data_5M4Q
#
_entry.id   5M4Q
#
_cell.length_a   103.429
_cell.length_b   107.005
_cell.length_c   216.125
_cell.angle_alpha   90.00
_cell.angle_beta   90.00
_cell.angle_gamma   90.00
#
_symmetry.space_group_name_H-M   'C 2 2 21'
#
loop_
_entity.id
_entity.type
_entity.pdbx_description
1 polymer 'Xaa-Pro dipeptidase'
2 non-polymer 'MANGANESE (II) ION'
3 non-polymer 'HYDROXIDE ION'
4 non-polymer PROLINE
5 non-polymer GLYCEROL
6 water water
#
_entity_poly.entity_id   1
_entity_poly.type   'polypeptide(L)'
_entity_poly.pdbx_seq_one_letter_code
;GPSFWLGNETLKVPLALFALNRQRLCERLRKNPAVQAGSIVVLQGGEETQRYCTDTGVLFRQESFFHWAFGVTEPGCYGV
IDVDTGKSTLFVPRLPASHATWMGKIHSKEHFKEKYAVDDVQYVDEIASVLTSQKPSVLLTLRGVNTDSGSVCREASFDG
ISKFEVNNTILHPEIVECRVFKTDMELEVLRYTNKISSEAHREVMKAVKVGMKEYELESLFEHYCYSRGGMRHSSYTCIC
GSGENSAVLHYGHAGAPNDRTIQNGDMCLFDMGGEYYCFASDITCSFPANGKFTADQKAVYEAVLRSSRAVMGAMKPGVW
WPDMHRLADRIHLEELAHMGILSGSVDAMVQAHLGAVFMPHGLGHFLGIDVHDVGGYPEGVERIDEPGLRSLRTARHLQP
GMVLTVEPGIYFIDHLLDEALADPARASFLNREVLQRFRGFGGVRIEEDVVVTDSGIELLTCVPRTVEEIEACMAGCDKA
FTPF
;
_entity_poly.pdbx_strand_id   A,B
#
# COMPACT_ATOMS: atom_id res chain seq x y z
N GLY A 1 -29.21 -3.96 14.04
CA GLY A 1 -28.35 -4.85 13.28
C GLY A 1 -26.87 -4.61 13.53
N PRO A 2 -26.02 -5.47 12.96
CA PRO A 2 -24.57 -5.32 13.08
C PRO A 2 -23.99 -4.12 12.32
N SER A 3 -22.83 -3.67 12.76
CA SER A 3 -22.15 -2.53 12.15
CA SER A 3 -22.15 -2.56 12.11
C SER A 3 -20.64 -2.75 12.11
N PHE A 4 -20.02 -2.23 11.06
CA PHE A 4 -18.58 -2.17 10.97
C PHE A 4 -18.14 -0.98 11.81
N TRP A 5 -17.08 -1.16 12.57
CA TRP A 5 -16.61 -0.15 13.49
C TRP A 5 -15.17 -0.42 13.85
N LEU A 6 -14.34 0.62 13.90
CA LEU A 6 -12.97 0.46 14.39
C LEU A 6 -12.76 1.16 15.73
N GLY A 7 -13.84 1.30 16.49
CA GLY A 7 -13.76 1.75 17.86
C GLY A 7 -13.44 3.22 18.01
N ASN A 8 -13.09 3.62 19.23
CA ASN A 8 -12.82 5.00 19.55
C ASN A 8 -13.92 5.92 18.99
N GLU A 9 -13.55 6.94 18.21
CA GLU A 9 -14.54 7.87 17.63
C GLU A 9 -14.84 7.57 16.15
N THR A 10 -14.49 6.37 15.69
CA THR A 10 -14.70 6.03 14.28
C THR A 10 -16.17 5.75 14.04
N LEU A 11 -16.57 5.83 12.78
CA LEU A 11 -17.97 5.68 12.39
C LEU A 11 -18.43 4.24 12.42
N LYS A 12 -19.60 4.01 13.04
CA LYS A 12 -20.29 2.74 12.91
C LYS A 12 -21.09 2.71 11.62
N VAL A 13 -20.76 1.76 10.75
CA VAL A 13 -21.41 1.62 9.46
C VAL A 13 -22.30 0.37 9.49
N PRO A 14 -23.63 0.56 9.40
CA PRO A 14 -24.52 -0.60 9.49
C PRO A 14 -24.41 -1.51 8.27
N LEU A 15 -24.44 -2.82 8.48
CA LEU A 15 -24.38 -3.75 7.36
C LEU A 15 -25.66 -3.67 6.54
N ALA A 16 -26.69 -3.02 7.09
CA ALA A 16 -27.91 -2.73 6.34
C ALA A 16 -27.65 -1.85 5.11
N LEU A 17 -26.55 -1.13 5.12
CA LEU A 17 -26.17 -0.32 3.96
C LEU A 17 -26.06 -1.23 2.75
N PHE A 18 -25.38 -2.36 2.94
CA PHE A 18 -25.11 -3.25 1.83
C PHE A 18 -26.37 -4.02 1.44
N ALA A 19 -27.17 -4.39 2.44
CA ALA A 19 -28.45 -5.02 2.16
C ALA A 19 -29.33 -4.11 1.28
N LEU A 20 -29.31 -2.81 1.55
CA LEU A 20 -30.08 -1.87 0.75
C LEU A 20 -29.55 -1.83 -0.68
N ASN A 21 -28.24 -1.87 -0.82
CA ASN A 21 -27.65 -1.87 -2.16
C ASN A 21 -28.08 -3.12 -2.93
N ARG A 22 -28.11 -4.26 -2.26
CA ARG A 22 -28.52 -5.50 -2.92
C ARG A 22 -29.96 -5.39 -3.36
N GLN A 23 -30.79 -4.83 -2.49
CA GLN A 23 -32.20 -4.64 -2.81
C GLN A 23 -32.36 -3.67 -4.00
N ARG A 24 -31.62 -2.58 -3.99
CA ARG A 24 -31.73 -1.60 -5.07
C ARG A 24 -31.29 -2.22 -6.39
N LEU A 25 -30.26 -3.05 -6.36
CA LEU A 25 -29.79 -3.72 -7.57
C LEU A 25 -30.86 -4.65 -8.13
N CYS A 26 -31.44 -5.50 -7.28
CA CYS A 26 -32.48 -6.42 -7.72
C CYS A 26 -33.68 -5.67 -8.30
N GLU A 27 -34.07 -4.58 -7.64
CA GLU A 27 -35.20 -3.79 -8.12
C GLU A 27 -34.93 -3.24 -9.52
N ARG A 28 -33.70 -2.77 -9.77
CA ARG A 28 -33.34 -2.31 -11.10
C ARG A 28 -33.35 -3.46 -12.09
N LEU A 29 -32.84 -4.63 -11.70
CA LEU A 29 -32.76 -5.74 -12.62
C LEU A 29 -34.15 -6.27 -12.96
N ARG A 30 -35.05 -6.26 -11.99
CA ARG A 30 -36.38 -6.80 -12.22
C ARG A 30 -37.10 -5.98 -13.30
N LYS A 31 -36.77 -4.70 -13.40
CA LYS A 31 -37.41 -3.82 -14.38
C LYS A 31 -36.78 -3.88 -15.77
N ASN A 32 -35.62 -4.54 -15.86
CA ASN A 32 -34.94 -4.73 -17.13
C ASN A 32 -35.62 -5.84 -17.93
N PRO A 33 -36.23 -5.51 -19.07
CA PRO A 33 -37.01 -6.53 -19.78
C PRO A 33 -36.23 -7.76 -20.19
N ALA A 34 -34.91 -7.64 -20.28
CA ALA A 34 -34.06 -8.73 -20.76
C ALA A 34 -33.77 -9.74 -19.67
N VAL A 35 -33.98 -9.34 -18.42
CA VAL A 35 -33.62 -10.20 -17.27
C VAL A 35 -34.67 -11.28 -17.09
N GLN A 36 -34.20 -12.53 -17.13
CA GLN A 36 -35.09 -13.68 -16.98
C GLN A 36 -35.45 -13.91 -15.53
N ALA A 37 -36.65 -14.42 -15.28
CA ALA A 37 -37.00 -14.84 -13.95
C ALA A 37 -36.04 -15.95 -13.52
N GLY A 38 -35.75 -16.03 -12.23
CA GLY A 38 -34.82 -17.04 -11.71
C GLY A 38 -33.35 -16.74 -11.98
N SER A 39 -33.03 -15.48 -12.25
CA SER A 39 -31.64 -15.08 -12.47
C SER A 39 -30.89 -14.93 -11.14
N ILE A 40 -29.58 -15.15 -11.17
CA ILE A 40 -28.77 -15.00 -9.96
C ILE A 40 -27.56 -14.17 -10.29
N VAL A 41 -27.38 -13.10 -9.54
CA VAL A 41 -26.18 -12.29 -9.64
C VAL A 41 -25.05 -13.06 -8.98
N VAL A 42 -23.93 -13.19 -9.69
CA VAL A 42 -22.75 -13.84 -9.14
C VAL A 42 -21.55 -12.89 -9.20
N LEU A 43 -21.05 -12.53 -8.02
CA LEU A 43 -19.86 -11.70 -7.92
C LEU A 43 -18.72 -12.46 -7.24
N GLN A 44 -17.51 -12.22 -7.72
CA GLN A 44 -16.31 -12.81 -7.11
C GLN A 44 -15.53 -11.74 -6.37
N GLY A 45 -15.21 -11.98 -5.11
CA GLY A 45 -14.48 -11.01 -4.33
C GLY A 45 -12.99 -11.04 -4.66
N GLY A 46 -12.27 -10.06 -4.17
CA GLY A 46 -10.84 -10.00 -4.37
C GLY A 46 -10.13 -11.13 -3.63
N GLU A 47 -8.93 -11.46 -4.10
CA GLU A 47 -8.07 -12.45 -3.45
C GLU A 47 -6.79 -11.81 -2.92
N GLU A 48 -6.16 -12.46 -1.96
CA GLU A 48 -4.90 -12.00 -1.38
C GLU A 48 -3.80 -12.03 -2.43
N THR A 49 -2.93 -11.02 -2.44
CA THR A 49 -1.81 -10.97 -3.38
C THR A 49 -0.48 -10.75 -2.66
N GLN A 50 0.61 -11.09 -3.34
CA GLN A 50 1.96 -10.84 -2.86
C GLN A 50 2.77 -9.95 -3.79
N ARG A 51 3.89 -9.43 -3.30
CA ARG A 51 4.84 -8.69 -4.16
C ARG A 51 5.52 -9.66 -5.11
N TYR A 52 5.17 -9.57 -6.39
CA TYR A 52 5.81 -10.38 -7.43
C TYR A 52 5.82 -11.86 -7.03
N CYS A 53 6.99 -12.51 -7.06
CA CYS A 53 7.10 -13.94 -6.76
C CYS A 53 7.46 -14.21 -5.29
N THR A 54 7.44 -13.16 -4.46
CA THR A 54 7.89 -13.28 -3.07
C THR A 54 6.71 -13.72 -2.21
N ASP A 55 6.96 -13.96 -0.92
CA ASP A 55 5.84 -14.24 0.00
C ASP A 55 5.48 -12.99 0.80
N THR A 56 5.95 -11.82 0.36
CA THR A 56 5.57 -10.57 1.02
C THR A 56 4.14 -10.23 0.68
N GLY A 57 3.26 -10.29 1.68
CA GLY A 57 1.86 -10.06 1.44
C GLY A 57 1.59 -8.59 1.19
N VAL A 58 0.68 -8.32 0.27
CA VAL A 58 0.15 -6.98 0.08
C VAL A 58 -1.13 -6.83 0.89
N LEU A 59 -1.32 -5.68 1.55
CA LEU A 59 -2.51 -5.50 2.36
C LEU A 59 -3.74 -5.54 1.46
N PHE A 60 -4.70 -6.37 1.83
CA PHE A 60 -5.85 -6.63 1.00
C PHE A 60 -6.92 -5.54 1.13
N ARG A 61 -7.36 -5.05 -0.02
CA ARG A 61 -8.46 -4.09 -0.11
C ARG A 61 -9.47 -4.67 -1.09
N GLN A 62 -10.73 -4.72 -0.67
CA GLN A 62 -11.76 -5.46 -1.39
C GLN A 62 -12.03 -4.83 -2.74
N GLU A 63 -12.44 -5.66 -3.69
CA GLU A 63 -12.85 -5.18 -5.00
C GLU A 63 -14.11 -4.32 -4.83
N SER A 64 -14.19 -3.22 -5.56
CA SER A 64 -15.21 -2.21 -5.28
C SER A 64 -16.65 -2.64 -5.52
N PHE A 65 -16.94 -3.35 -6.61
CA PHE A 65 -18.32 -3.79 -6.80
C PHE A 65 -18.73 -4.79 -5.72
N PHE A 66 -17.82 -5.68 -5.34
CA PHE A 66 -18.14 -6.70 -4.35
C PHE A 66 -18.39 -6.05 -3.01
N HIS A 67 -17.57 -5.05 -2.69
CA HIS A 67 -17.76 -4.28 -1.47
C HIS A 67 -19.11 -3.59 -1.47
N TRP A 68 -19.45 -2.93 -2.58
CA TRP A 68 -20.71 -2.21 -2.66
C TRP A 68 -21.89 -3.12 -2.33
N ALA A 69 -21.81 -4.36 -2.79
CA ALA A 69 -22.90 -5.30 -2.65
C ALA A 69 -22.89 -6.03 -1.29
N PHE A 70 -21.71 -6.22 -0.69
CA PHE A 70 -21.62 -7.09 0.50
C PHE A 70 -20.84 -6.52 1.69
N GLY A 71 -19.93 -5.59 1.45
CA GLY A 71 -19.15 -5.01 2.54
C GLY A 71 -18.19 -5.99 3.20
N VAL A 72 -17.80 -7.03 2.47
CA VAL A 72 -16.96 -8.10 3.01
C VAL A 72 -15.49 -7.74 2.94
N THR A 73 -14.80 -7.87 4.08
CA THR A 73 -13.40 -7.49 4.17
C THR A 73 -12.41 -8.63 3.95
N GLU A 74 -12.89 -9.86 4.05
CA GLU A 74 -12.04 -11.04 3.89
C GLU A 74 -11.75 -11.37 2.43
N PRO A 75 -10.51 -11.76 2.12
CA PRO A 75 -10.21 -12.22 0.76
C PRO A 75 -10.75 -13.62 0.47
N GLY A 76 -10.92 -13.93 -0.81
CA GLY A 76 -11.27 -15.25 -1.27
C GLY A 76 -12.74 -15.60 -1.25
N CYS A 77 -13.62 -14.59 -1.16
CA CYS A 77 -15.06 -14.86 -1.08
C CYS A 77 -15.75 -14.70 -2.43
N TYR A 78 -16.96 -15.24 -2.50
CA TYR A 78 -17.92 -14.99 -3.57
C TYR A 78 -19.21 -14.54 -2.93
N GLY A 79 -20.06 -13.89 -3.71
CA GLY A 79 -21.36 -13.46 -3.22
C GLY A 79 -22.38 -13.56 -4.32
N VAL A 80 -23.54 -14.12 -4.01
CA VAL A 80 -24.60 -14.22 -4.99
C VAL A 80 -25.90 -13.64 -4.44
N ILE A 81 -26.74 -13.19 -5.36
CA ILE A 81 -28.02 -12.60 -5.00
C ILE A 81 -29.06 -13.15 -5.94
N ASP A 82 -30.13 -13.70 -5.36
CA ASP A 82 -31.26 -14.14 -6.14
C ASP A 82 -32.09 -12.91 -6.49
N VAL A 83 -32.22 -12.65 -7.79
CA VAL A 83 -32.82 -11.41 -8.25
C VAL A 83 -34.28 -11.32 -7.83
N ASP A 84 -35.00 -12.41 -7.98
CA ASP A 84 -36.44 -12.41 -7.72
C ASP A 84 -36.81 -12.25 -6.25
N THR A 85 -36.01 -12.84 -5.36
CA THR A 85 -36.29 -12.81 -3.92
C THR A 85 -35.42 -11.82 -3.16
N GLY A 86 -34.26 -11.49 -3.74
CA GLY A 86 -33.32 -10.61 -3.08
C GLY A 86 -32.45 -11.36 -2.09
N LYS A 87 -32.64 -12.68 -2.00
CA LYS A 87 -31.87 -13.50 -1.06
C LYS A 87 -30.38 -13.47 -1.37
N SER A 88 -29.57 -13.23 -0.35
CA SER A 88 -28.12 -13.15 -0.49
C SER A 88 -27.42 -14.37 0.12
N THR A 89 -26.39 -14.85 -0.57
CA THR A 89 -25.56 -15.94 -0.07
C THR A 89 -24.10 -15.58 -0.23
N LEU A 90 -23.38 -15.62 0.87
CA LEU A 90 -21.96 -15.36 0.90
C LEU A 90 -21.20 -16.68 0.92
N PHE A 91 -20.21 -16.82 0.05
CA PHE A 91 -19.34 -17.99 0.05
C PHE A 91 -17.97 -17.61 0.61
N VAL A 92 -17.57 -18.31 1.66
CA VAL A 92 -16.33 -18.02 2.37
C VAL A 92 -15.35 -19.20 2.27
N PRO A 93 -14.05 -18.93 2.33
CA PRO A 93 -13.10 -20.04 2.20
C PRO A 93 -13.19 -21.01 3.37
N ARG A 94 -13.11 -22.30 3.07
CA ARG A 94 -12.96 -23.33 4.09
C ARG A 94 -11.48 -23.38 4.47
N LEU A 95 -11.14 -22.94 5.67
CA LEU A 95 -9.74 -22.77 6.04
C LEU A 95 -9.14 -23.98 6.74
N PRO A 96 -7.82 -24.20 6.58
CA PRO A 96 -7.13 -25.31 7.25
C PRO A 96 -6.88 -25.07 8.74
N ALA A 97 -6.48 -26.12 9.46
CA ALA A 97 -6.24 -26.03 10.90
C ALA A 97 -5.14 -25.01 11.25
N SER A 98 -4.11 -24.96 10.42
CA SER A 98 -2.94 -24.13 10.71
C SER A 98 -3.24 -22.62 10.63
N HIS A 99 -4.41 -22.27 10.08
CA HIS A 99 -4.82 -20.87 10.02
C HIS A 99 -4.92 -20.32 11.44
N ALA A 100 -5.31 -21.19 12.37
CA ALA A 100 -5.50 -20.82 13.77
C ALA A 100 -4.18 -20.38 14.40
N THR A 101 -3.08 -20.92 13.88
CA THR A 101 -1.75 -20.57 14.34
C THR A 101 -1.25 -19.26 13.72
N TRP A 102 -1.39 -19.14 12.40
CA TRP A 102 -0.70 -18.08 11.67
C TRP A 102 -1.53 -16.83 11.48
N MET A 103 -2.83 -16.98 11.28
CA MET A 103 -3.67 -15.88 10.82
C MET A 103 -4.71 -15.42 11.85
N GLY A 104 -5.26 -16.36 12.62
CA GLY A 104 -6.23 -16.03 13.64
C GLY A 104 -7.35 -17.04 13.74
N LYS A 105 -8.38 -16.70 14.49
CA LYS A 105 -9.50 -17.61 14.75
C LYS A 105 -10.13 -18.07 13.43
N ILE A 106 -10.53 -19.33 13.39
CA ILE A 106 -11.27 -19.87 12.25
C ILE A 106 -12.77 -19.75 12.57
N HIS A 107 -13.40 -18.73 11.99
CA HIS A 107 -14.80 -18.43 12.28
C HIS A 107 -15.75 -19.39 11.56
N SER A 108 -16.86 -19.68 12.22
CA SER A 108 -17.90 -20.52 11.64
C SER A 108 -18.64 -19.78 10.54
N LYS A 109 -19.40 -20.54 9.75
CA LYS A 109 -20.25 -19.92 8.73
C LYS A 109 -21.29 -19.04 9.43
N GLU A 110 -21.74 -19.47 10.59
CA GLU A 110 -22.76 -18.75 11.34
C GLU A 110 -22.23 -17.38 11.78
N HIS A 111 -20.95 -17.34 12.13
CA HIS A 111 -20.29 -16.09 12.50
C HIS A 111 -20.39 -15.09 11.36
N PHE A 112 -20.10 -15.54 10.14
CA PHE A 112 -20.12 -14.65 8.99
C PHE A 112 -21.53 -14.21 8.62
N LYS A 113 -22.48 -15.12 8.73
CA LYS A 113 -23.87 -14.77 8.48
C LYS A 113 -24.30 -13.63 9.40
N GLU A 114 -23.98 -13.76 10.67
CA GLU A 114 -24.32 -12.75 11.66
C GLU A 114 -23.54 -11.46 11.42
N LYS A 115 -22.27 -11.59 11.08
CA LYS A 115 -21.42 -10.44 10.87
C LYS A 115 -21.89 -9.59 9.69
N TYR A 116 -22.33 -10.25 8.62
CA TYR A 116 -22.61 -9.55 7.36
C TYR A 116 -24.09 -9.41 7.05
N ALA A 117 -24.92 -10.01 7.90
CA ALA A 117 -26.37 -9.95 7.80
C ALA A 117 -26.85 -10.39 6.43
N VAL A 118 -26.29 -11.50 5.95
CA VAL A 118 -26.74 -12.14 4.72
C VAL A 118 -27.70 -13.28 5.05
N ASP A 119 -28.40 -13.80 4.05
CA ASP A 119 -29.41 -14.82 4.29
C ASP A 119 -28.81 -16.20 4.49
N ASP A 120 -27.64 -16.44 3.91
CA ASP A 120 -27.01 -17.75 3.99
C ASP A 120 -25.51 -17.65 3.79
N VAL A 121 -24.76 -18.55 4.40
CA VAL A 121 -23.33 -18.62 4.20
C VAL A 121 -22.95 -20.06 3.90
N GLN A 122 -22.14 -20.23 2.86
CA GLN A 122 -21.64 -21.55 2.46
C GLN A 122 -20.13 -21.45 2.21
N TYR A 123 -19.47 -22.59 2.01
CA TYR A 123 -18.06 -22.58 1.66
C TYR A 123 -17.86 -22.43 0.15
N VAL A 124 -16.77 -21.77 -0.22
CA VAL A 124 -16.45 -21.52 -1.60
C VAL A 124 -16.37 -22.83 -2.42
N ASP A 125 -15.87 -23.91 -1.84
CA ASP A 125 -15.74 -25.15 -2.60
C ASP A 125 -17.10 -25.79 -2.91
N GLU A 126 -18.18 -25.20 -2.40
CA GLU A 126 -19.52 -25.74 -2.61
C GLU A 126 -20.36 -24.91 -3.55
N ILE A 127 -19.77 -23.85 -4.12
CA ILE A 127 -20.58 -22.88 -4.86
C ILE A 127 -21.29 -23.52 -6.03
N ALA A 128 -20.59 -24.39 -6.76
CA ALA A 128 -21.20 -25.04 -7.92
C ALA A 128 -22.39 -25.90 -7.50
N SER A 129 -22.22 -26.63 -6.40
CA SER A 129 -23.28 -27.49 -5.89
C SER A 129 -24.47 -26.69 -5.39
N VAL A 130 -24.19 -25.60 -4.68
CA VAL A 130 -25.26 -24.78 -4.11
C VAL A 130 -26.05 -24.11 -5.23
N LEU A 131 -25.36 -23.56 -6.22
CA LEU A 131 -26.06 -22.88 -7.30
C LEU A 131 -26.89 -23.85 -8.12
N THR A 132 -26.34 -25.04 -8.36
CA THR A 132 -27.07 -26.06 -9.11
C THR A 132 -28.40 -26.36 -8.43
N SER A 133 -28.33 -26.57 -7.13
CA SER A 133 -29.51 -26.88 -6.34
C SER A 133 -30.59 -25.81 -6.47
N GLN A 134 -30.18 -24.57 -6.70
CA GLN A 134 -31.13 -23.47 -6.79
C GLN A 134 -31.77 -23.37 -8.18
N LYS A 135 -31.26 -24.15 -9.13
CA LYS A 135 -31.87 -24.25 -10.45
C LYS A 135 -32.13 -22.89 -11.11
N PRO A 136 -31.07 -22.08 -11.27
CA PRO A 136 -31.27 -20.75 -11.87
C PRO A 136 -31.47 -20.79 -13.36
N SER A 137 -32.14 -19.78 -13.91
CA SER A 137 -32.26 -19.67 -15.34
C SER A 137 -30.91 -19.28 -15.91
N VAL A 138 -30.32 -18.25 -15.31
CA VAL A 138 -29.08 -17.69 -15.82
C VAL A 138 -28.29 -17.03 -14.71
N LEU A 139 -26.97 -17.17 -14.79
CA LEU A 139 -26.07 -16.45 -13.90
C LEU A 139 -25.67 -15.11 -14.53
N LEU A 140 -25.90 -14.02 -13.80
CA LEU A 140 -25.53 -12.68 -14.25
C LEU A 140 -24.18 -12.31 -13.64
N THR A 141 -23.16 -12.20 -14.50
CA THR A 141 -21.83 -11.87 -14.03
C THR A 141 -21.45 -10.49 -14.52
N LEU A 142 -20.34 -10.01 -13.97
CA LEU A 142 -19.92 -8.64 -14.08
C LEU A 142 -18.77 -8.51 -15.05
N ARG A 143 -19.04 -7.93 -16.21
CA ARG A 143 -18.01 -7.60 -17.18
C ARG A 143 -18.36 -6.27 -17.85
N GLY A 144 -17.40 -5.36 -17.87
CA GLY A 144 -17.62 -4.10 -18.55
C GLY A 144 -16.38 -3.26 -18.53
N VAL A 145 -16.43 -2.10 -19.19
CA VAL A 145 -15.27 -1.24 -19.28
C VAL A 145 -15.34 -0.09 -18.29
N ASN A 146 -14.28 0.08 -17.52
CA ASN A 146 -14.14 1.27 -16.72
C ASN A 146 -13.68 2.40 -17.62
N THR A 147 -14.39 3.52 -17.59
CA THR A 147 -14.17 4.57 -18.58
C THR A 147 -13.07 5.56 -18.17
N ASP A 148 -12.51 5.39 -16.97
CA ASP A 148 -11.34 6.15 -16.56
C ASP A 148 -10.03 5.39 -16.81
N SER A 149 -10.04 4.08 -16.56
CA SER A 149 -8.85 3.26 -16.77
C SER A 149 -8.79 2.64 -18.15
N GLY A 150 -9.97 2.40 -18.71
CA GLY A 150 -10.08 1.66 -19.96
C GLY A 150 -9.95 0.17 -19.73
N SER A 151 -9.76 -0.25 -18.48
CA SER A 151 -9.66 -1.68 -18.16
C SER A 151 -11.00 -2.38 -18.17
N VAL A 152 -10.97 -3.65 -18.55
CA VAL A 152 -12.15 -4.50 -18.56
C VAL A 152 -12.30 -5.21 -17.22
N CYS A 153 -13.40 -4.96 -16.53
CA CYS A 153 -13.69 -5.65 -15.27
C CYS A 153 -13.93 -7.11 -15.58
N ARG A 154 -13.22 -7.98 -14.87
CA ARG A 154 -13.25 -9.40 -15.16
C ARG A 154 -14.35 -10.15 -14.41
N GLU A 155 -15.05 -10.98 -15.18
CA GLU A 155 -16.11 -11.87 -14.74
C GLU A 155 -15.79 -12.82 -13.59
N ALA A 156 -16.75 -13.04 -12.70
CA ALA A 156 -16.60 -14.11 -11.73
C ALA A 156 -16.46 -15.44 -12.47
N SER A 157 -15.70 -16.35 -11.89
CA SER A 157 -15.57 -17.69 -12.42
C SER A 157 -15.35 -18.64 -11.25
N PHE A 158 -15.80 -19.88 -11.40
CA PHE A 158 -15.58 -20.89 -10.38
C PHE A 158 -15.61 -22.23 -11.08
N ASP A 159 -15.08 -23.25 -10.41
CA ASP A 159 -15.03 -24.58 -11.01
C ASP A 159 -16.44 -25.09 -11.25
N GLY A 160 -16.76 -25.33 -12.53
CA GLY A 160 -18.05 -25.85 -12.91
C GLY A 160 -19.04 -24.80 -13.41
N ILE A 161 -18.59 -23.56 -13.58
CA ILE A 161 -19.50 -22.51 -14.04
C ILE A 161 -19.90 -22.74 -15.50
N SER A 162 -19.08 -23.52 -16.21
CA SER A 162 -19.34 -23.83 -17.62
C SER A 162 -20.66 -24.58 -17.81
N LYS A 163 -21.14 -25.21 -16.74
CA LYS A 163 -22.37 -25.98 -16.80
C LYS A 163 -23.62 -25.10 -16.70
N PHE A 164 -23.41 -23.82 -16.39
CA PHE A 164 -24.50 -22.86 -16.26
C PHE A 164 -24.60 -22.01 -17.51
N GLU A 165 -25.78 -21.44 -17.72
CA GLU A 165 -25.89 -20.39 -18.71
C GLU A 165 -25.52 -19.08 -18.05
N VAL A 166 -24.57 -18.39 -18.66
CA VAL A 166 -24.03 -17.15 -18.10
C VAL A 166 -24.23 -15.96 -19.03
N ASN A 167 -24.68 -14.87 -18.44
CA ASN A 167 -24.79 -13.60 -19.13
C ASN A 167 -23.85 -12.60 -18.49
N ASN A 168 -23.00 -11.95 -19.29
CA ASN A 168 -22.03 -11.02 -18.74
C ASN A 168 -22.18 -9.60 -19.27
N THR A 169 -23.33 -9.28 -19.86
CA THR A 169 -23.55 -7.96 -20.43
C THR A 169 -24.59 -7.14 -19.67
N ILE A 170 -25.58 -7.81 -19.10
CA ILE A 170 -26.69 -7.12 -18.45
C ILE A 170 -26.29 -6.40 -17.16
N LEU A 171 -25.51 -7.06 -16.33
CA LEU A 171 -25.28 -6.57 -14.99
C LEU A 171 -24.46 -5.29 -14.89
N HIS A 172 -23.38 -5.18 -15.65
CA HIS A 172 -22.45 -4.07 -15.44
C HIS A 172 -23.15 -2.69 -15.52
N PRO A 173 -23.93 -2.43 -16.58
CA PRO A 173 -24.53 -1.08 -16.62
C PRO A 173 -25.51 -0.81 -15.49
N GLU A 174 -26.16 -1.84 -14.98
CA GLU A 174 -27.17 -1.70 -13.95
C GLU A 174 -26.56 -1.44 -12.59
N ILE A 175 -25.58 -2.26 -12.21
CA ILE A 175 -24.93 -2.04 -10.93
C ILE A 175 -24.12 -0.75 -10.94
N VAL A 176 -23.58 -0.39 -12.09
CA VAL A 176 -22.90 0.91 -12.19
C VAL A 176 -23.90 2.04 -11.90
N GLU A 177 -25.10 1.96 -12.47
CA GLU A 177 -26.07 3.02 -12.29
C GLU A 177 -26.48 3.11 -10.82
N CYS A 178 -26.62 1.98 -10.13
CA CYS A 178 -26.92 2.03 -8.70
C CYS A 178 -25.84 2.74 -7.92
N ARG A 179 -24.58 2.48 -8.24
CA ARG A 179 -23.46 3.09 -7.53
C ARG A 179 -23.40 4.60 -7.74
N VAL A 180 -23.91 5.07 -8.88
CA VAL A 180 -23.88 6.51 -9.19
C VAL A 180 -24.71 7.30 -8.18
N PHE A 181 -25.78 6.69 -7.70
CA PHE A 181 -26.70 7.35 -6.79
C PHE A 181 -26.55 6.82 -5.36
N LYS A 182 -26.08 7.69 -4.47
CA LYS A 182 -25.73 7.24 -3.13
C LYS A 182 -26.94 7.25 -2.23
N THR A 183 -27.07 6.20 -1.43
CA THR A 183 -28.13 6.14 -0.43
C THR A 183 -27.81 7.04 0.74
N ASP A 184 -28.78 7.27 1.61
CA ASP A 184 -28.52 8.10 2.77
C ASP A 184 -27.46 7.44 3.64
N MET A 185 -27.49 6.12 3.72
CA MET A 185 -26.48 5.43 4.51
C MET A 185 -25.08 5.60 3.89
N GLU A 186 -24.96 5.55 2.58
CA GLU A 186 -23.66 5.77 1.94
C GLU A 186 -23.21 7.21 2.19
N LEU A 187 -24.14 8.15 2.13
CA LEU A 187 -23.79 9.57 2.34
C LEU A 187 -23.27 9.79 3.75
N GLU A 188 -23.78 9.06 4.74
CA GLU A 188 -23.27 9.20 6.09
C GLU A 188 -21.79 8.82 6.14
N VAL A 189 -21.39 7.80 5.39
CA VAL A 189 -19.99 7.37 5.40
C VAL A 189 -19.13 8.43 4.68
N LEU A 190 -19.63 8.96 3.57
CA LEU A 190 -18.89 9.97 2.83
C LEU A 190 -18.81 11.28 3.59
N ARG A 191 -19.80 11.56 4.45
CA ARG A 191 -19.70 12.73 5.29
C ARG A 191 -18.54 12.52 6.27
N TYR A 192 -18.44 11.30 6.78
CA TYR A 192 -17.39 10.95 7.72
C TYR A 192 -15.99 10.97 7.09
N THR A 193 -15.83 10.39 5.92
CA THR A 193 -14.49 10.38 5.31
C THR A 193 -14.06 11.82 5.04
N ASN A 194 -15.02 12.67 4.63
CA ASN A 194 -14.70 14.08 4.44
C ASN A 194 -14.39 14.78 5.74
N LYS A 195 -15.09 14.43 6.82
CA LYS A 195 -14.80 15.05 8.10
C LYS A 195 -13.36 14.76 8.54
N ILE A 196 -12.98 13.48 8.53
CA ILE A 196 -11.66 13.11 8.99
C ILE A 196 -10.58 13.70 8.08
N SER A 197 -10.77 13.60 6.78
CA SER A 197 -9.77 14.10 5.85
C SER A 197 -9.65 15.63 5.97
N SER A 198 -10.77 16.29 6.28
CA SER A 198 -10.75 17.74 6.45
C SER A 198 -9.92 18.08 7.66
N GLU A 199 -10.13 17.33 8.74
CA GLU A 199 -9.37 17.55 9.96
C GLU A 199 -7.89 17.34 9.72
N ALA A 200 -7.57 16.30 8.95
CA ALA A 200 -6.18 15.98 8.67
C ALA A 200 -5.53 17.08 7.80
N HIS A 201 -6.27 17.60 6.83
CA HIS A 201 -5.78 18.74 6.03
C HIS A 201 -5.48 19.93 6.89
N ARG A 202 -6.35 20.20 7.86
CA ARG A 202 -6.14 21.30 8.78
CA ARG A 202 -6.14 21.30 8.78
C ARG A 202 -4.88 21.07 9.61
N GLU A 203 -4.67 19.83 10.05
CA GLU A 203 -3.48 19.55 10.84
C GLU A 203 -2.23 19.74 10.00
N VAL A 204 -2.29 19.33 8.74
CA VAL A 204 -1.16 19.52 7.84
C VAL A 204 -0.85 21.01 7.65
N MET A 205 -1.88 21.82 7.41
CA MET A 205 -1.69 23.25 7.23
CA MET A 205 -1.71 23.25 7.25
C MET A 205 -1.05 23.88 8.48
N LYS A 206 -1.43 23.41 9.66
CA LYS A 206 -0.88 23.94 10.90
C LYS A 206 0.57 23.53 11.08
N ALA A 207 0.92 22.39 10.50
CA ALA A 207 2.24 21.80 10.72
C ALA A 207 3.29 22.20 9.69
N VAL A 208 2.86 22.64 8.51
CA VAL A 208 3.83 22.93 7.46
C VAL A 208 4.81 23.98 7.93
N LYS A 209 6.08 23.72 7.70
CA LYS A 209 7.15 24.67 7.94
C LYS A 209 8.08 24.65 6.76
N VAL A 210 8.56 25.82 6.35
CA VAL A 210 9.64 25.89 5.36
C VAL A 210 10.79 24.96 5.78
N GLY A 211 11.34 24.23 4.82
CA GLY A 211 12.44 23.31 5.11
C GLY A 211 12.01 21.85 5.27
N MET A 212 10.72 21.61 5.45
CA MET A 212 10.23 20.23 5.54
C MET A 212 10.20 19.61 4.15
N LYS A 213 10.32 18.28 4.11
CA LYS A 213 10.04 17.54 2.90
C LYS A 213 8.54 17.36 2.73
N GLU A 214 8.08 17.39 1.48
CA GLU A 214 6.68 17.14 1.18
C GLU A 214 6.16 15.87 1.84
N TYR A 215 6.96 14.80 1.82
CA TYR A 215 6.47 13.52 2.30
C TYR A 215 6.22 13.53 3.82
N GLU A 216 6.85 14.46 4.54
CA GLU A 216 6.57 14.57 5.97
C GLU A 216 5.10 14.93 6.22
N LEU A 217 4.50 15.69 5.32
CA LEU A 217 3.09 16.07 5.45
C LEU A 217 2.20 14.93 4.98
N GLU A 218 2.64 14.20 3.95
CA GLU A 218 1.94 12.99 3.54
C GLU A 218 1.85 12.03 4.72
N SER A 219 2.97 11.86 5.40
CA SER A 219 3.03 10.91 6.52
C SER A 219 2.08 11.35 7.65
N LEU A 220 2.11 12.64 7.95
CA LEU A 220 1.25 13.19 9.00
C LEU A 220 -0.23 13.01 8.65
N PHE A 221 -0.58 13.32 7.41
CA PHE A 221 -1.96 13.18 6.95
C PHE A 221 -2.45 11.75 7.13
N GLU A 222 -1.66 10.80 6.65
CA GLU A 222 -2.06 9.40 6.75
C GLU A 222 -2.12 8.93 8.20
N HIS A 223 -1.24 9.44 9.04
CA HIS A 223 -1.24 9.08 10.45
C HIS A 223 -2.49 9.61 11.14
N TYR A 224 -2.86 10.85 10.84
CA TYR A 224 -4.10 11.40 11.38
C TYR A 224 -5.27 10.54 10.94
N CYS A 225 -5.35 10.25 9.65
CA CYS A 225 -6.48 9.52 9.12
C CYS A 225 -6.59 8.11 9.71
N TYR A 226 -5.46 7.45 9.90
CA TYR A 226 -5.48 6.08 10.42
C TYR A 226 -5.73 6.06 11.93
N SER A 227 -4.90 6.77 12.67
CA SER A 227 -4.97 6.68 14.12
C SER A 227 -6.25 7.34 14.69
N ARG A 228 -6.76 8.40 14.05
CA ARG A 228 -7.96 9.09 14.55
C ARG A 228 -9.21 8.66 13.79
N GLY A 229 -9.03 8.25 12.54
CA GLY A 229 -10.16 7.95 11.68
C GLY A 229 -10.37 6.49 11.40
N GLY A 230 -9.39 5.68 11.76
CA GLY A 230 -9.45 4.26 11.45
C GLY A 230 -9.28 4.00 9.97
N MET A 231 -8.74 4.96 9.25
CA MET A 231 -8.53 4.83 7.82
C MET A 231 -7.19 4.20 7.50
N ARG A 232 -7.19 2.89 7.29
CA ARG A 232 -5.94 2.17 7.07
C ARG A 232 -5.37 2.47 5.69
N HIS A 233 -6.27 2.77 4.75
CA HIS A 233 -5.91 3.10 3.36
C HIS A 233 -6.16 4.55 3.04
N SER A 234 -5.41 5.08 2.08
CA SER A 234 -5.81 6.31 1.44
C SER A 234 -6.67 5.98 0.23
N SER A 235 -7.46 6.94 -0.22
CA SER A 235 -8.31 6.74 -1.39
C SER A 235 -7.46 6.70 -2.67
N TYR A 236 -6.27 7.28 -2.59
CA TYR A 236 -5.33 7.38 -3.70
C TYR A 236 -4.01 7.86 -3.10
N THR A 237 -2.94 7.75 -3.88
CA THR A 237 -1.63 8.17 -3.40
C THR A 237 -1.62 9.69 -3.17
N CYS A 238 -1.19 10.08 -1.98
CA CYS A 238 -1.17 11.49 -1.58
C CYS A 238 -0.35 12.32 -2.54
N ILE A 239 -0.93 13.42 -2.99
CA ILE A 239 -0.26 14.37 -3.86
C ILE A 239 0.15 15.58 -3.04
N CYS A 240 1.44 15.71 -2.77
CA CYS A 240 1.95 16.76 -1.90
C CYS A 240 2.95 17.66 -2.67
N GLY A 241 2.42 18.50 -3.55
CA GLY A 241 3.28 19.28 -4.43
C GLY A 241 3.55 20.68 -3.91
N SER A 242 4.83 20.99 -3.70
CA SER A 242 5.26 22.34 -3.32
C SER A 242 6.01 22.98 -4.48
N GLY A 243 5.96 24.31 -4.56
CA GLY A 243 6.68 25.01 -5.59
C GLY A 243 6.17 24.60 -6.95
N GLU A 244 7.10 24.45 -7.91
CA GLU A 244 6.75 24.06 -9.27
C GLU A 244 6.00 22.73 -9.31
N ASN A 245 6.16 21.90 -8.29
CA ASN A 245 5.48 20.60 -8.31
C ASN A 245 3.96 20.71 -8.19
N SER A 246 3.46 21.88 -7.79
CA SER A 246 2.02 22.03 -7.67
C SER A 246 1.38 22.15 -9.07
N ALA A 247 2.21 22.35 -10.11
CA ALA A 247 1.73 22.33 -11.49
C ALA A 247 1.63 20.89 -12.06
N VAL A 248 2.17 19.92 -11.33
CA VAL A 248 2.16 18.51 -11.76
C VAL A 248 0.95 17.79 -11.16
N LEU A 249 -0.03 17.43 -11.99
CA LEU A 249 -1.38 17.15 -11.46
C LEU A 249 -1.48 15.94 -10.51
N HIS A 250 -0.81 14.85 -10.86
CA HIS A 250 -0.81 13.62 -10.04
C HIS A 250 0.60 13.35 -9.50
N TYR A 251 1.30 14.42 -9.16
CA TYR A 251 2.58 14.35 -8.45
C TYR A 251 2.47 13.42 -7.24
N GLY A 252 3.58 12.81 -6.83
CA GLY A 252 3.63 12.01 -5.61
C GLY A 252 3.79 10.51 -5.83
N HIS A 253 3.65 10.07 -7.07
CA HIS A 253 3.86 8.68 -7.43
C HIS A 253 5.33 8.28 -7.32
N ALA A 254 5.64 7.00 -7.56
CA ALA A 254 6.99 6.50 -7.35
C ALA A 254 8.06 7.24 -8.15
N GLY A 255 7.69 7.75 -9.33
CA GLY A 255 8.60 8.50 -10.19
C GLY A 255 8.84 9.94 -9.76
N ALA A 256 7.97 10.45 -8.90
CA ALA A 256 8.11 11.80 -8.38
C ALA A 256 7.57 11.80 -6.95
N PRO A 257 8.29 11.13 -6.03
CA PRO A 257 7.70 10.69 -4.75
C PRO A 257 7.74 11.68 -3.57
N ASN A 258 7.17 12.86 -3.78
CA ASN A 258 6.99 13.83 -2.70
C ASN A 258 8.29 14.10 -1.94
N ASP A 259 9.41 14.22 -2.66
CA ASP A 259 10.72 14.33 -2.02
C ASP A 259 11.36 15.70 -2.20
N ARG A 260 10.56 16.71 -2.50
CA ARG A 260 11.09 18.07 -2.58
C ARG A 260 11.04 18.79 -1.24
N THR A 261 12.07 19.59 -0.97
CA THR A 261 12.07 20.43 0.23
C THR A 261 11.19 21.68 0.01
N ILE A 262 10.26 21.92 0.93
CA ILE A 262 9.40 23.09 0.83
C ILE A 262 10.22 24.36 1.11
N GLN A 263 10.11 25.34 0.22
CA GLN A 263 10.90 26.57 0.30
CA GLN A 263 10.90 26.55 0.33
C GLN A 263 10.02 27.77 0.60
N ASN A 264 10.63 28.79 1.19
CA ASN A 264 9.96 30.04 1.45
C ASN A 264 9.44 30.58 0.11
N GLY A 265 8.20 31.04 0.08
CA GLY A 265 7.62 31.55 -1.14
C GLY A 265 6.88 30.52 -1.99
N ASP A 266 7.07 29.23 -1.72
CA ASP A 266 6.28 28.20 -2.40
C ASP A 266 4.79 28.30 -2.15
N MET A 267 4.02 27.96 -3.17
CA MET A 267 2.64 27.52 -2.96
C MET A 267 2.67 26.01 -2.75
N CYS A 268 1.85 25.54 -1.82
CA CYS A 268 1.65 24.12 -1.62
C CYS A 268 0.31 23.75 -2.20
N LEU A 269 0.26 22.60 -2.84
CA LEU A 269 -0.98 22.05 -3.34
C LEU A 269 -1.01 20.63 -2.82
N PHE A 270 -1.86 20.38 -1.84
CA PHE A 270 -1.94 19.07 -1.18
C PHE A 270 -3.30 18.43 -1.43
N ASP A 271 -3.27 17.38 -2.22
CA ASP A 271 -4.45 16.65 -2.64
C ASP A 271 -4.36 15.28 -1.98
N MET A 272 -5.18 15.08 -0.96
CA MET A 272 -5.12 13.88 -0.13
C MET A 272 -6.49 13.54 0.41
N GLY A 273 -6.77 12.26 0.58
CA GLY A 273 -8.06 11.83 1.07
C GLY A 273 -8.03 10.42 1.62
N GLY A 274 -8.39 10.25 2.88
CA GLY A 274 -8.42 8.93 3.47
C GLY A 274 -9.63 8.17 3.00
N GLU A 275 -9.52 6.84 3.10
CA GLU A 275 -10.58 5.93 2.76
C GLU A 275 -11.03 5.19 4.03
N TYR A 276 -12.33 5.15 4.27
CA TYR A 276 -12.88 4.38 5.42
C TYR A 276 -13.80 3.29 4.92
N TYR A 277 -13.48 2.04 5.22
CA TYR A 277 -14.31 0.92 4.84
C TYR A 277 -14.62 0.98 3.34
N CYS A 278 -13.58 1.26 2.55
CA CYS A 278 -13.63 1.33 1.10
C CYS A 278 -14.48 2.47 0.54
N PHE A 279 -14.78 3.47 1.36
CA PHE A 279 -15.44 4.69 0.87
C PHE A 279 -14.42 5.82 0.81
N ALA A 280 -14.43 6.54 -0.32
CA ALA A 280 -13.41 7.55 -0.62
C ALA A 280 -13.67 8.91 0.00
N SER A 281 -12.61 9.71 0.02
CA SER A 281 -12.70 11.15 0.11
C SER A 281 -11.61 11.71 -0.81
N ASP A 282 -11.76 12.95 -1.23
CA ASP A 282 -10.85 13.51 -2.23
C ASP A 282 -10.86 15.03 -2.07
N ILE A 283 -9.83 15.55 -1.42
CA ILE A 283 -9.81 16.95 -1.01
C ILE A 283 -8.48 17.58 -1.38
N THR A 284 -8.51 18.79 -1.92
CA THR A 284 -7.28 19.51 -2.24
C THR A 284 -7.33 20.86 -1.53
N CYS A 285 -6.27 21.14 -0.79
CA CYS A 285 -6.01 22.46 -0.20
C CYS A 285 -4.79 23.09 -0.83
N SER A 286 -4.90 24.37 -1.17
CA SER A 286 -3.78 25.15 -1.66
C SER A 286 -3.50 26.31 -0.70
N PHE A 287 -2.22 26.53 -0.40
CA PHE A 287 -1.83 27.57 0.56
C PHE A 287 -0.36 27.90 0.46
N PRO A 288 0.05 29.11 0.87
CA PRO A 288 1.46 29.48 0.88
C PRO A 288 2.21 28.74 1.96
N ALA A 289 3.36 28.17 1.61
CA ALA A 289 4.19 27.45 2.56
C ALA A 289 4.50 28.25 3.80
N ASN A 290 4.70 29.56 3.63
CA ASN A 290 5.11 30.40 4.74
C ASN A 290 3.94 31.08 5.45
N GLY A 291 2.72 30.70 5.08
CA GLY A 291 1.54 31.19 5.75
C GLY A 291 1.04 32.57 5.36
N LYS A 292 1.63 33.17 4.33
CA LYS A 292 1.25 34.50 3.90
CA LYS A 292 1.24 34.50 3.90
C LYS A 292 1.23 34.57 2.38
N PHE A 293 0.04 34.75 1.80
CA PHE A 293 -0.09 34.90 0.37
C PHE A 293 0.62 36.16 -0.13
N THR A 294 1.44 36.02 -1.17
CA THR A 294 1.87 37.21 -1.92
C THR A 294 0.73 37.77 -2.74
N ALA A 295 0.96 38.92 -3.35
CA ALA A 295 -0.05 39.54 -4.19
C ALA A 295 -0.42 38.62 -5.36
N ASP A 296 0.59 38.10 -6.04
CA ASP A 296 0.39 37.16 -7.15
C ASP A 296 -0.33 35.89 -6.69
N GLN A 297 0.09 35.35 -5.55
CA GLN A 297 -0.52 34.12 -5.04
C GLN A 297 -2.00 34.35 -4.68
N LYS A 298 -2.30 35.50 -4.08
CA LYS A 298 -3.67 35.85 -3.73
C LYS A 298 -4.54 35.95 -4.96
N ALA A 299 -4.01 36.59 -6.00
CA ALA A 299 -4.77 36.78 -7.24
C ALA A 299 -5.11 35.44 -7.88
N VAL A 300 -4.12 34.56 -7.99
CA VAL A 300 -4.36 33.27 -8.63
C VAL A 300 -5.31 32.47 -7.75
N TYR A 301 -5.05 32.46 -6.45
CA TYR A 301 -5.84 31.65 -5.54
C TYR A 301 -7.31 32.09 -5.55
N GLU A 302 -7.53 33.40 -5.47
CA GLU A 302 -8.90 33.90 -5.40
C GLU A 302 -9.65 33.71 -6.72
N ALA A 303 -8.92 33.68 -7.83
CA ALA A 303 -9.50 33.26 -9.10
C ALA A 303 -10.13 31.88 -9.02
N VAL A 304 -9.42 30.94 -8.41
CA VAL A 304 -9.90 29.58 -8.28
C VAL A 304 -11.03 29.49 -7.23
N LEU A 305 -10.95 30.30 -6.19
CA LEU A 305 -12.02 30.34 -5.20
C LEU A 305 -13.30 30.84 -5.87
N ARG A 306 -13.13 31.80 -6.79
CA ARG A 306 -14.30 32.36 -7.48
C ARG A 306 -14.98 31.31 -8.34
N SER A 307 -14.21 30.55 -9.14
CA SER A 307 -14.82 29.55 -9.99
C SER A 307 -15.40 28.42 -9.13
N SER A 308 -14.71 28.05 -8.07
CA SER A 308 -15.23 27.05 -7.14
C SER A 308 -16.63 27.38 -6.61
N ARG A 309 -16.78 28.57 -6.08
CA ARG A 309 -18.04 29.00 -5.47
CA ARG A 309 -18.03 28.99 -5.47
C ARG A 309 -19.09 29.27 -6.54
N ALA A 310 -18.65 29.72 -7.71
CA ALA A 310 -19.60 29.96 -8.79
C ALA A 310 -20.20 28.63 -9.25
N VAL A 311 -19.36 27.62 -9.39
CA VAL A 311 -19.84 26.31 -9.83
C VAL A 311 -20.75 25.70 -8.75
N MET A 312 -20.29 25.70 -7.52
CA MET A 312 -21.11 25.15 -6.44
C MET A 312 -22.45 25.89 -6.35
N GLY A 313 -22.43 27.20 -6.56
CA GLY A 313 -23.66 27.98 -6.49
C GLY A 313 -24.63 27.69 -7.63
N ALA A 314 -24.12 27.22 -8.76
CA ALA A 314 -24.94 26.92 -9.93
C ALA A 314 -25.40 25.46 -9.99
N MET A 315 -24.73 24.60 -9.24
CA MET A 315 -25.04 23.17 -9.31
C MET A 315 -26.39 22.84 -8.72
N LYS A 316 -27.17 22.10 -9.51
CA LYS A 316 -28.48 21.62 -9.09
C LYS A 316 -28.97 20.65 -10.14
N PRO A 317 -30.05 19.92 -9.84
CA PRO A 317 -30.51 18.93 -10.81
C PRO A 317 -30.82 19.53 -12.16
N GLY A 318 -30.41 18.81 -13.21
CA GLY A 318 -30.67 19.24 -14.57
C GLY A 318 -29.51 20.00 -15.20
N VAL A 319 -28.58 20.48 -14.38
CA VAL A 319 -27.41 21.21 -14.87
C VAL A 319 -26.47 20.25 -15.60
N TRP A 320 -25.98 20.67 -16.76
CA TRP A 320 -25.07 19.85 -17.55
C TRP A 320 -23.63 20.05 -17.07
N TRP A 321 -22.95 18.98 -16.66
CA TRP A 321 -21.65 19.14 -16.03
C TRP A 321 -20.64 19.83 -16.95
N PRO A 322 -20.67 19.52 -18.27
CA PRO A 322 -19.76 20.27 -19.14
C PRO A 322 -20.01 21.78 -19.11
N ASP A 323 -21.26 22.22 -18.88
CA ASP A 323 -21.52 23.65 -18.76
C ASP A 323 -20.81 24.25 -17.54
N MET A 324 -20.67 23.46 -16.49
CA MET A 324 -19.96 23.91 -15.30
C MET A 324 -18.47 24.02 -15.56
N HIS A 325 -17.93 23.09 -16.33
CA HIS A 325 -16.52 23.15 -16.68
C HIS A 325 -16.25 24.42 -17.48
N ARG A 326 -17.12 24.71 -18.44
CA ARG A 326 -17.01 25.93 -19.24
CA ARG A 326 -17.02 25.93 -19.25
C ARG A 326 -17.15 27.20 -18.41
N LEU A 327 -18.02 27.15 -17.41
CA LEU A 327 -18.19 28.28 -16.50
C LEU A 327 -16.88 28.57 -15.80
N ALA A 328 -16.23 27.52 -15.29
CA ALA A 328 -14.97 27.67 -14.59
C ALA A 328 -13.90 28.24 -15.50
N ASP A 329 -13.81 27.72 -16.72
CA ASP A 329 -12.89 28.25 -17.73
C ASP A 329 -13.08 29.75 -17.91
N ARG A 330 -14.33 30.17 -18.07
CA ARG A 330 -14.62 31.56 -18.41
C ARG A 330 -14.20 32.43 -17.24
N ILE A 331 -14.45 31.94 -16.02
CA ILE A 331 -14.10 32.71 -14.84
C ILE A 331 -12.59 32.81 -14.69
N HIS A 332 -11.87 31.72 -14.91
CA HIS A 332 -10.43 31.76 -14.83
C HIS A 332 -9.87 32.78 -15.82
N LEU A 333 -10.38 32.75 -17.05
CA LEU A 333 -9.91 33.66 -18.08
C LEU A 333 -10.20 35.12 -17.71
N GLU A 334 -11.37 35.39 -17.15
CA GLU A 334 -11.71 36.74 -16.73
C GLU A 334 -10.72 37.22 -15.69
N GLU A 335 -10.42 36.36 -14.72
CA GLU A 335 -9.53 36.72 -13.62
C GLU A 335 -8.08 36.87 -14.06
N LEU A 336 -7.62 36.00 -14.95
CA LEU A 336 -6.26 36.10 -15.46
C LEU A 336 -6.11 37.36 -16.31
N ALA A 337 -7.20 37.78 -16.95
CA ALA A 337 -7.18 39.04 -17.68
C ALA A 337 -7.08 40.23 -16.69
N HIS A 338 -7.86 40.19 -15.61
CA HIS A 338 -7.82 41.23 -14.59
CA HIS A 338 -7.81 41.24 -14.62
C HIS A 338 -6.40 41.36 -14.02
N MET A 339 -5.72 40.23 -13.89
CA MET A 339 -4.35 40.19 -13.40
CA MET A 339 -4.35 40.21 -13.39
C MET A 339 -3.35 40.75 -14.40
N GLY A 340 -3.78 40.85 -15.65
CA GLY A 340 -2.90 41.32 -16.72
C GLY A 340 -2.09 40.21 -17.41
N ILE A 341 -2.31 38.96 -17.02
CA ILE A 341 -1.69 37.84 -17.72
C ILE A 341 -2.28 37.69 -19.12
N LEU A 342 -3.56 38.03 -19.25
CA LEU A 342 -4.28 37.98 -20.51
C LEU A 342 -4.80 39.35 -20.88
N SER A 343 -4.95 39.57 -22.18
CA SER A 343 -5.59 40.78 -22.72
C SER A 343 -6.54 40.38 -23.85
N GLY A 344 -7.66 41.08 -23.96
CA GLY A 344 -8.53 40.92 -25.12
C GLY A 344 -9.92 40.44 -24.78
N SER A 345 -10.65 40.00 -25.81
CA SER A 345 -12.01 39.49 -25.63
C SER A 345 -12.02 38.10 -25.02
N VAL A 346 -12.67 37.98 -23.86
CA VAL A 346 -12.78 36.69 -23.19
C VAL A 346 -13.66 35.75 -23.98
N ASP A 347 -14.69 36.29 -24.63
CA ASP A 347 -15.48 35.50 -25.58
C ASP A 347 -14.57 34.82 -26.58
N ALA A 348 -13.61 35.57 -27.10
CA ALA A 348 -12.72 35.03 -28.12
C ALA A 348 -11.71 34.06 -27.52
N MET A 349 -11.28 34.33 -26.29
CA MET A 349 -10.43 33.39 -25.57
C MET A 349 -11.11 32.05 -25.42
N VAL A 350 -12.39 32.09 -25.06
CA VAL A 350 -13.14 30.87 -24.86
C VAL A 350 -13.28 30.09 -26.17
N GLN A 351 -13.55 30.80 -27.26
CA GLN A 351 -13.71 30.17 -28.56
C GLN A 351 -12.42 29.48 -29.00
N ALA A 352 -11.28 30.00 -28.54
CA ALA A 352 -9.97 29.42 -28.86
C ALA A 352 -9.51 28.39 -27.82
N HIS A 353 -10.39 28.06 -26.88
CA HIS A 353 -10.11 27.05 -25.83
C HIS A 353 -8.93 27.42 -24.93
N LEU A 354 -8.76 28.70 -24.67
CA LEU A 354 -7.60 29.14 -23.90
C LEU A 354 -7.69 28.69 -22.43
N GLY A 355 -8.90 28.43 -21.97
CA GLY A 355 -9.11 27.98 -20.60
C GLY A 355 -8.35 26.70 -20.31
N ALA A 356 -8.23 25.84 -21.32
CA ALA A 356 -7.60 24.53 -21.14
C ALA A 356 -6.09 24.61 -21.00
N VAL A 357 -5.50 25.73 -21.38
CA VAL A 357 -4.08 25.95 -21.17
C VAL A 357 -3.79 26.03 -19.67
N PHE A 358 -4.73 26.62 -18.92
CA PHE A 358 -4.54 26.87 -17.50
C PHE A 358 -5.22 25.81 -16.63
N MET A 359 -6.25 25.15 -17.17
CA MET A 359 -6.88 24.03 -16.49
C MET A 359 -7.07 22.84 -17.46
N PRO A 360 -6.02 22.00 -17.59
CA PRO A 360 -6.07 20.95 -18.61
C PRO A 360 -6.88 19.71 -18.21
N HIS A 361 -7.30 19.64 -16.96
CA HIS A 361 -8.08 18.49 -16.47
C HIS A 361 -9.58 18.82 -16.35
N GLY A 362 -10.40 17.79 -16.13
CA GLY A 362 -11.82 17.99 -15.97
C GLY A 362 -12.15 18.71 -14.67
N LEU A 363 -13.27 19.43 -14.65
CA LEU A 363 -13.68 20.20 -13.48
C LEU A 363 -13.88 19.32 -12.24
N GLY A 364 -14.35 18.09 -12.44
CA GLY A 364 -14.59 17.19 -11.34
C GLY A 364 -15.26 15.90 -11.77
N HIS A 365 -15.38 14.97 -10.84
CA HIS A 365 -15.74 13.60 -11.18
C HIS A 365 -16.62 12.98 -10.11
N PHE A 366 -17.37 11.96 -10.49
CA PHE A 366 -18.10 11.18 -9.51
C PHE A 366 -17.13 10.62 -8.49
N LEU A 367 -17.61 10.49 -7.26
CA LEU A 367 -16.83 9.93 -6.18
C LEU A 367 -17.70 8.95 -5.38
N GLY A 368 -17.11 7.85 -4.92
CA GLY A 368 -17.87 6.89 -4.13
C GLY A 368 -16.95 5.83 -3.55
N ILE A 369 -17.17 4.56 -3.89
CA ILE A 369 -16.28 3.49 -3.42
CA ILE A 369 -16.28 3.51 -3.41
C ILE A 369 -14.91 3.66 -4.06
N ASP A 370 -14.90 4.15 -5.30
CA ASP A 370 -13.67 4.54 -5.99
C ASP A 370 -13.56 6.06 -6.03
N VAL A 371 -12.34 6.59 -5.94
CA VAL A 371 -12.17 8.05 -5.95
C VAL A 371 -12.62 8.60 -7.31
N HIS A 372 -12.26 7.91 -8.38
CA HIS A 372 -12.84 8.21 -9.71
C HIS A 372 -13.93 7.19 -9.92
N ASP A 373 -15.15 7.56 -9.50
CA ASP A 373 -16.17 6.55 -9.38
C ASP A 373 -16.80 6.20 -10.72
N VAL A 374 -17.49 5.07 -10.74
CA VAL A 374 -18.04 4.51 -11.98
C VAL A 374 -19.25 5.32 -12.48
N GLY A 375 -19.55 5.17 -13.77
CA GLY A 375 -20.83 5.61 -14.30
C GLY A 375 -20.80 6.99 -14.93
N GLY A 376 -19.62 7.54 -15.17
CA GLY A 376 -19.52 8.86 -15.77
C GLY A 376 -19.88 8.92 -17.23
N TYR A 377 -19.71 7.80 -17.94
CA TYR A 377 -19.99 7.73 -19.39
C TYR A 377 -20.75 6.45 -19.72
N PRO A 378 -22.00 6.36 -19.27
CA PRO A 378 -22.83 5.22 -19.68
C PRO A 378 -23.18 5.35 -21.15
N GLU A 379 -23.77 4.30 -21.71
CA GLU A 379 -24.15 4.28 -23.11
C GLU A 379 -25.06 5.46 -23.43
N GLY A 380 -24.72 6.22 -24.47
CA GLY A 380 -25.50 7.37 -24.86
C GLY A 380 -24.97 8.70 -24.34
N VAL A 381 -23.94 8.64 -23.52
CA VAL A 381 -23.27 9.83 -23.01
C VAL A 381 -21.86 9.88 -23.58
N GLU A 382 -21.61 10.87 -24.42
CA GLU A 382 -20.37 10.93 -25.18
C GLU A 382 -19.35 11.89 -24.57
N ARG A 383 -18.08 11.53 -24.73
CA ARG A 383 -16.96 12.39 -24.37
C ARG A 383 -16.85 13.53 -25.39
N ILE A 384 -16.62 14.75 -24.90
CA ILE A 384 -16.52 15.92 -25.76
C ILE A 384 -15.07 16.13 -26.20
N ASP A 385 -14.84 16.10 -27.50
CA ASP A 385 -13.47 16.16 -28.02
C ASP A 385 -13.01 17.60 -28.17
N GLU A 386 -12.76 18.25 -27.04
CA GLU A 386 -12.22 19.59 -27.02
C GLU A 386 -11.21 19.65 -25.89
N PRO A 387 -10.22 20.57 -25.99
CA PRO A 387 -9.28 20.73 -24.88
C PRO A 387 -9.98 20.94 -23.54
N GLY A 388 -9.48 20.30 -22.48
CA GLY A 388 -10.08 20.42 -21.16
C GLY A 388 -11.28 19.49 -20.99
N LEU A 389 -12.32 19.74 -21.79
CA LEU A 389 -13.53 18.94 -21.70
C LEU A 389 -13.32 17.47 -22.00
N ARG A 390 -12.32 17.15 -22.82
CA ARG A 390 -12.12 15.76 -23.19
C ARG A 390 -11.59 14.99 -21.98
N SER A 391 -11.08 15.71 -20.98
CA SER A 391 -10.55 15.10 -19.75
C SER A 391 -11.61 14.97 -18.66
N LEU A 392 -12.80 15.51 -18.91
CA LEU A 392 -13.90 15.35 -17.98
C LEU A 392 -14.23 13.89 -17.80
N ARG A 393 -14.42 13.45 -16.55
CA ARG A 393 -14.71 12.05 -16.30
C ARG A 393 -16.21 11.76 -16.34
N THR A 394 -17.01 12.78 -16.59
CA THR A 394 -18.41 12.55 -16.93
C THR A 394 -18.96 13.74 -17.72
N ALA A 395 -19.86 13.46 -18.65
CA ALA A 395 -20.58 14.50 -19.41
C ALA A 395 -22.08 14.41 -19.13
N ARG A 396 -22.43 13.87 -17.97
CA ARG A 396 -23.84 13.73 -17.60
C ARG A 396 -24.45 15.02 -17.06
N HIS A 397 -25.78 15.07 -17.04
CA HIS A 397 -26.52 16.08 -16.27
C HIS A 397 -26.62 15.66 -14.81
N LEU A 398 -26.63 16.64 -13.90
CA LEU A 398 -26.70 16.33 -12.47
C LEU A 398 -28.08 15.87 -12.01
N GLN A 399 -28.10 14.90 -11.10
CA GLN A 399 -29.33 14.46 -10.47
C GLN A 399 -29.11 14.26 -8.97
N PRO A 400 -30.16 14.37 -8.16
CA PRO A 400 -29.99 14.17 -6.72
C PRO A 400 -29.39 12.80 -6.40
N GLY A 401 -28.46 12.77 -5.44
CA GLY A 401 -27.83 11.54 -5.01
C GLY A 401 -26.45 11.33 -5.60
N MET A 402 -26.15 12.04 -6.68
CA MET A 402 -24.81 12.01 -7.25
C MET A 402 -23.84 12.71 -6.32
N VAL A 403 -22.65 12.13 -6.20
CA VAL A 403 -21.56 12.72 -5.42
C VAL A 403 -20.45 13.10 -6.37
N LEU A 404 -20.08 14.38 -6.36
CA LEU A 404 -19.05 14.88 -7.27
CA LEU A 404 -19.10 14.95 -7.29
C LEU A 404 -17.96 15.64 -6.55
N THR A 405 -16.76 15.59 -7.11
CA THR A 405 -15.75 16.56 -6.71
C THR A 405 -15.97 17.84 -7.52
N VAL A 406 -15.66 18.96 -6.92
CA VAL A 406 -15.64 20.25 -7.59
C VAL A 406 -14.22 20.75 -7.40
N GLU A 407 -13.40 20.68 -8.45
CA GLU A 407 -11.98 20.94 -8.30
C GLU A 407 -11.37 21.75 -9.44
N PRO A 408 -11.85 22.99 -9.59
CA PRO A 408 -11.16 23.86 -10.53
C PRO A 408 -9.73 24.13 -10.09
N GLY A 409 -8.89 24.47 -11.06
CA GLY A 409 -7.54 24.90 -10.74
C GLY A 409 -6.97 25.75 -11.85
N ILE A 410 -5.92 26.49 -11.51
CA ILE A 410 -5.13 27.24 -12.48
C ILE A 410 -3.68 26.84 -12.28
N TYR A 411 -3.02 26.42 -13.36
CA TYR A 411 -1.63 25.99 -13.31
C TYR A 411 -0.83 26.69 -14.38
N PHE A 412 0.46 26.81 -14.14
CA PHE A 412 1.39 27.36 -15.11
C PHE A 412 2.33 26.25 -15.58
N ILE A 413 1.91 25.59 -16.67
CA ILE A 413 2.55 24.40 -17.19
C ILE A 413 3.30 24.76 -18.45
N ASP A 414 4.62 24.64 -18.41
CA ASP A 414 5.47 25.17 -19.47
C ASP A 414 5.11 24.65 -20.85
N HIS A 415 4.84 23.35 -21.00
CA HIS A 415 4.66 22.85 -22.35
C HIS A 415 3.30 23.31 -22.92
N LEU A 416 2.31 23.54 -22.05
CA LEU A 416 1.02 24.05 -22.52
C LEU A 416 1.10 25.52 -22.85
N LEU A 417 1.82 26.27 -22.03
CA LEU A 417 2.01 27.70 -22.27
C LEU A 417 2.80 27.92 -23.55
N ASP A 418 3.85 27.14 -23.75
CA ASP A 418 4.72 27.27 -24.92
C ASP A 418 3.93 26.98 -26.19
N GLU A 419 3.08 25.97 -26.12
CA GLU A 419 2.20 25.60 -27.23
C GLU A 419 1.27 26.76 -27.59
N ALA A 420 0.68 27.38 -26.57
CA ALA A 420 -0.26 28.47 -26.79
C ALA A 420 0.44 29.71 -27.37
N LEU A 421 1.66 29.97 -26.91
CA LEU A 421 2.42 31.11 -27.40
C LEU A 421 2.84 30.93 -28.85
N ALA A 422 2.94 29.68 -29.29
CA ALA A 422 3.34 29.39 -30.66
C ALA A 422 2.18 29.53 -31.61
N ASP A 423 0.97 29.38 -31.08
CA ASP A 423 -0.27 29.43 -31.84
C ASP A 423 -0.79 30.86 -31.96
N PRO A 424 -0.81 31.43 -33.16
CA PRO A 424 -1.24 32.83 -33.25
C PRO A 424 -2.67 33.09 -32.76
N ALA A 425 -3.53 32.07 -32.86
CA ALA A 425 -4.90 32.16 -32.37
C ALA A 425 -5.02 32.30 -30.84
N ARG A 426 -3.98 31.94 -30.10
CA ARG A 426 -4.01 32.03 -28.64
C ARG A 426 -2.96 33.02 -28.14
N ALA A 427 -1.84 33.12 -28.84
CA ALA A 427 -0.73 33.95 -28.37
C ALA A 427 -1.10 35.41 -28.18
N SER A 428 -2.01 35.91 -29.01
CA SER A 428 -2.40 37.31 -28.97
C SER A 428 -3.03 37.65 -27.63
N PHE A 429 -3.59 36.65 -26.97
CA PHE A 429 -4.26 36.90 -25.69
C PHE A 429 -3.27 36.93 -24.52
N LEU A 430 -2.10 36.35 -24.72
CA LEU A 430 -1.12 36.16 -23.65
C LEU A 430 -0.11 37.30 -23.60
N ASN A 431 0.05 37.89 -22.43
CA ASN A 431 1.04 38.95 -22.25
C ASN A 431 2.33 38.35 -21.70
N ARG A 432 3.28 38.08 -22.59
CA ARG A 432 4.50 37.35 -22.24
C ARG A 432 5.24 37.94 -21.05
N GLU A 433 5.29 39.26 -20.98
CA GLU A 433 6.12 39.93 -19.99
C GLU A 433 5.54 39.70 -18.60
N VAL A 434 4.22 39.57 -18.52
CA VAL A 434 3.56 39.30 -17.26
C VAL A 434 3.61 37.81 -16.93
N LEU A 435 3.26 36.98 -17.92
CA LEU A 435 3.26 35.54 -17.77
C LEU A 435 4.63 35.02 -17.31
N GLN A 436 5.70 35.68 -17.75
CA GLN A 436 7.05 35.22 -17.47
C GLN A 436 7.30 35.14 -15.96
N ARG A 437 6.67 36.05 -15.22
CA ARG A 437 6.81 36.13 -13.77
C ARG A 437 6.16 34.93 -13.07
N PHE A 438 5.23 34.29 -13.75
CA PHE A 438 4.48 33.17 -13.21
C PHE A 438 5.02 31.81 -13.66
N ARG A 439 6.08 31.81 -14.47
CA ARG A 439 6.75 30.55 -14.79
C ARG A 439 7.34 30.03 -13.49
N GLY A 440 7.06 28.78 -13.17
CA GLY A 440 7.56 28.17 -11.95
C GLY A 440 6.68 28.44 -10.75
N PHE A 441 5.59 29.18 -10.95
CA PHE A 441 4.60 29.43 -9.88
C PHE A 441 4.02 28.13 -9.32
N GLY A 442 3.82 27.17 -10.20
CA GLY A 442 3.11 25.97 -9.86
C GLY A 442 1.65 26.09 -10.22
N GLY A 443 0.78 25.88 -9.24
CA GLY A 443 -0.63 26.02 -9.48
C GLY A 443 -1.44 26.01 -8.20
N VAL A 444 -2.73 26.25 -8.37
CA VAL A 444 -3.69 26.26 -7.29
C VAL A 444 -4.84 25.37 -7.70
N ARG A 445 -5.23 24.47 -6.81
CA ARG A 445 -6.45 23.68 -6.97
C ARG A 445 -7.23 23.71 -5.65
N ILE A 446 -8.53 23.92 -5.77
CA ILE A 446 -9.42 23.93 -4.62
C ILE A 446 -10.44 22.82 -4.87
N GLU A 447 -10.39 21.77 -4.09
CA GLU A 447 -11.23 20.61 -4.35
C GLU A 447 -12.13 20.31 -3.16
N GLU A 448 -13.45 20.42 -3.41
CA GLU A 448 -14.51 20.10 -2.48
C GLU A 448 -15.23 18.83 -2.95
N ASP A 449 -15.81 18.09 -2.01
CA ASP A 449 -16.71 16.99 -2.33
C ASP A 449 -18.12 17.41 -2.01
N VAL A 450 -19.06 17.21 -2.94
CA VAL A 450 -20.43 17.65 -2.75
C VAL A 450 -21.40 16.57 -3.19
N VAL A 451 -22.63 16.66 -2.70
CA VAL A 451 -23.69 15.76 -3.14
C VAL A 451 -24.81 16.61 -3.74
N VAL A 452 -25.35 16.16 -4.86
CA VAL A 452 -26.47 16.87 -5.49
C VAL A 452 -27.74 16.58 -4.71
N THR A 453 -28.48 17.64 -4.38
CA THR A 453 -29.75 17.51 -3.69
C THR A 453 -30.87 17.87 -4.64
N ASP A 454 -32.11 17.87 -4.13
CA ASP A 454 -33.26 18.22 -4.96
C ASP A 454 -33.19 19.64 -5.47
N SER A 455 -32.56 20.52 -4.71
CA SER A 455 -32.59 21.95 -5.01
C SER A 455 -31.23 22.57 -5.27
N GLY A 456 -30.16 21.83 -4.99
CA GLY A 456 -28.81 22.35 -5.15
C GLY A 456 -27.80 21.29 -4.76
N ILE A 457 -26.92 21.62 -3.82
CA ILE A 457 -25.93 20.67 -3.34
C ILE A 457 -25.74 20.78 -1.83
N GLU A 458 -25.17 19.71 -1.27
CA GLU A 458 -24.65 19.73 0.09
C GLU A 458 -23.13 19.57 0.04
N LEU A 459 -22.43 20.49 0.68
CA LEU A 459 -20.97 20.45 0.75
C LEU A 459 -20.52 19.51 1.88
N LEU A 460 -19.69 18.52 1.55
CA LEU A 460 -19.22 17.55 2.54
C LEU A 460 -17.94 18.01 3.22
N THR A 461 -17.11 18.71 2.46
CA THR A 461 -15.80 19.14 2.92
C THR A 461 -15.86 20.35 3.84
N CYS A 462 -14.96 20.41 4.81
CA CYS A 462 -14.89 21.55 5.73
C CYS A 462 -13.45 21.92 6.08
N VAL A 463 -12.85 22.68 5.16
CA VAL A 463 -11.52 23.24 5.34
C VAL A 463 -11.55 24.74 5.11
N PRO A 464 -10.55 25.46 5.65
CA PRO A 464 -10.53 26.91 5.44
C PRO A 464 -10.32 27.22 3.98
N ARG A 465 -11.00 28.22 3.44
CA ARG A 465 -10.89 28.50 2.01
C ARG A 465 -10.56 29.94 1.63
N THR A 466 -11.04 30.95 2.37
CA THR A 466 -10.67 32.32 2.02
C THR A 466 -9.22 32.55 2.42
N VAL A 467 -8.60 33.54 1.81
CA VAL A 467 -7.21 33.86 2.13
C VAL A 467 -7.06 34.12 3.62
N GLU A 468 -7.97 34.91 4.19
CA GLU A 468 -7.94 35.24 5.60
C GLU A 468 -8.05 33.99 6.49
N GLU A 469 -9.00 33.11 6.15
CA GLU A 469 -9.17 31.86 6.90
C GLU A 469 -7.91 30.99 6.86
N ILE A 470 -7.26 30.93 5.70
CA ILE A 470 -6.10 30.07 5.54
C ILE A 470 -4.95 30.63 6.33
N GLU A 471 -4.72 31.93 6.22
CA GLU A 471 -3.63 32.54 6.94
C GLU A 471 -3.87 32.41 8.44
N ALA A 472 -5.13 32.54 8.89
CA ALA A 472 -5.43 32.39 10.31
C ALA A 472 -5.19 30.94 10.77
N CYS A 473 -5.61 29.98 9.96
CA CYS A 473 -5.46 28.58 10.32
C CYS A 473 -3.98 28.19 10.44
N MET A 474 -3.14 28.68 9.52
CA MET A 474 -1.73 28.30 9.51
C MET A 474 -0.96 28.92 10.67
N ALA A 475 -1.45 30.05 11.17
CA ALA A 475 -0.82 30.71 12.30
C ALA A 475 -1.30 30.14 13.64
N GLY A 476 -2.28 29.25 13.62
CA GLY A 476 -2.81 28.64 14.84
C GLY A 476 -1.78 27.79 15.54
N CYS A 477 -1.77 27.85 16.87
CA CYS A 477 -0.70 27.24 17.69
C CYS A 477 -1.12 26.00 18.46
N ASP A 478 -2.35 25.55 18.30
CA ASP A 478 -2.82 24.38 19.02
C ASP A 478 -1.91 23.22 18.69
N LYS A 479 -1.46 22.61 19.79
CA LYS A 479 -0.68 21.40 19.81
C LYS A 479 -1.78 20.36 19.94
N ALA A 480 -2.72 20.43 19.01
CA ALA A 480 -3.84 19.52 18.97
C ALA A 480 -3.38 18.11 18.64
N PHE A 481 -2.42 18.04 17.75
CA PHE A 481 -1.90 16.75 17.30
C PHE A 481 -0.38 16.66 17.31
N THR A 482 0.25 16.33 18.42
CA THR A 482 1.72 16.30 18.42
C THR A 482 2.25 14.90 18.69
N PRO A 483 2.55 14.14 17.63
CA PRO A 483 3.21 12.86 17.84
C PRO A 483 4.63 13.06 18.37
N PHE A 484 5.15 12.06 19.09
CA PHE A 484 6.48 12.08 19.72
C PHE A 484 7.25 13.40 19.65
N GLY B 1 30.36 9.81 -6.75
CA GLY B 1 29.22 9.19 -7.39
C GLY B 1 27.89 9.66 -6.81
N PRO B 2 26.79 9.49 -7.58
CA PRO B 2 25.46 9.88 -7.11
C PRO B 2 24.94 8.94 -6.04
N SER B 3 23.96 9.42 -5.27
CA SER B 3 23.36 8.66 -4.19
CA SER B 3 23.35 8.63 -4.22
C SER B 3 21.85 8.86 -4.15
N PHE B 4 21.17 7.84 -3.66
CA PHE B 4 19.77 7.94 -3.33
C PHE B 4 19.67 8.58 -1.96
N TRP B 5 18.74 9.51 -1.79
CA TRP B 5 18.61 10.23 -0.53
C TRP B 5 17.23 10.89 -0.43
N LEU B 6 16.61 10.85 0.75
CA LEU B 6 15.32 11.52 0.94
C LEU B 6 15.46 12.72 1.87
N GLY B 7 16.68 13.25 1.95
CA GLY B 7 16.91 14.50 2.64
C GLY B 7 16.92 14.35 4.13
N ASN B 8 16.92 15.49 4.83
CA ASN B 8 16.88 15.53 6.28
C ASN B 8 17.98 14.62 6.86
N GLU B 9 17.60 13.64 7.69
CA GLU B 9 18.59 12.76 8.31
C GLU B 9 18.60 11.38 7.67
N THR B 10 18.01 11.25 6.49
CA THR B 10 17.91 9.94 5.86
C THR B 10 19.26 9.54 5.28
N LEU B 11 19.40 8.25 5.02
CA LEU B 11 20.67 7.70 4.54
C LEU B 11 20.91 7.98 3.06
N LYS B 12 22.12 8.43 2.76
CA LYS B 12 22.58 8.50 1.38
C LYS B 12 23.10 7.15 0.95
N VAL B 13 22.44 6.54 -0.02
CA VAL B 13 22.82 5.24 -0.56
C VAL B 13 23.50 5.44 -1.91
N PRO B 14 24.81 5.14 -2.00
CA PRO B 14 25.49 5.33 -3.28
C PRO B 14 25.01 4.36 -4.35
N LEU B 15 24.84 4.86 -5.57
CA LEU B 15 24.43 3.99 -6.66
C LEU B 15 25.54 3.00 -6.98
N ALA B 16 26.75 3.30 -6.51
CA ALA B 16 27.86 2.35 -6.56
C ALA B 16 27.51 1.01 -5.92
N LEU B 17 26.54 1.00 -5.00
CA LEU B 17 26.07 -0.23 -4.39
C LEU B 17 25.58 -1.23 -5.46
N PHE B 18 24.78 -0.73 -6.40
CA PHE B 18 24.18 -1.60 -7.40
C PHE B 18 25.19 -1.96 -8.48
N ALA B 19 26.10 -1.04 -8.74
CA ALA B 19 27.21 -1.34 -9.65
C ALA B 19 28.06 -2.48 -9.12
N LEU B 20 28.26 -2.51 -7.81
CA LEU B 20 29.04 -3.59 -7.21
C LEU B 20 28.28 -4.90 -7.33
N ASN B 21 26.96 -4.85 -7.11
CA ASN B 21 26.16 -6.05 -7.30
C ASN B 21 26.24 -6.59 -8.73
N ARG B 22 26.18 -5.71 -9.74
CA ARG B 22 26.32 -6.18 -11.11
C ARG B 22 27.69 -6.80 -11.36
N GLN B 23 28.72 -6.19 -10.80
CA GLN B 23 30.08 -6.67 -10.96
C GLN B 23 30.21 -8.04 -10.31
N ARG B 24 29.66 -8.19 -9.11
CA ARG B 24 29.74 -9.47 -8.41
C ARG B 24 29.00 -10.56 -9.18
N LEU B 25 27.85 -10.23 -9.75
CA LEU B 25 27.09 -11.19 -10.53
C LEU B 25 27.88 -11.62 -11.76
N CYS B 26 28.47 -10.68 -12.48
CA CYS B 26 29.26 -11.03 -13.64
C CYS B 26 30.42 -11.94 -13.25
N GLU B 27 31.11 -11.57 -12.17
CA GLU B 27 32.28 -12.34 -11.75
C GLU B 27 31.90 -13.77 -11.39
N ARG B 28 30.73 -13.95 -10.80
CA ARG B 28 30.26 -15.29 -10.47
C ARG B 28 29.90 -16.05 -11.76
N LEU B 29 29.22 -15.38 -12.69
CA LEU B 29 28.82 -16.01 -13.96
C LEU B 29 30.03 -16.42 -14.81
N ARG B 30 31.10 -15.62 -14.76
CA ARG B 30 32.28 -15.92 -15.57
C ARG B 30 32.95 -17.22 -15.11
N LYS B 31 32.72 -17.60 -13.87
CA LYS B 31 33.26 -18.86 -13.31
C LYS B 31 32.35 -20.07 -13.52
N ASN B 32 31.13 -19.81 -13.97
CA ASN B 32 30.15 -20.85 -14.16
C ASN B 32 30.39 -21.58 -15.50
N PRO B 33 30.60 -22.91 -15.48
CA PRO B 33 30.93 -23.60 -16.74
C PRO B 33 29.81 -23.58 -17.78
N ALA B 34 28.59 -23.28 -17.34
CA ALA B 34 27.45 -23.29 -18.24
C ALA B 34 27.35 -21.97 -19.00
N VAL B 35 28.20 -21.01 -18.65
CA VAL B 35 28.12 -19.67 -19.23
C VAL B 35 29.18 -19.52 -20.31
N GLN B 36 28.74 -19.07 -21.47
CA GLN B 36 29.64 -18.87 -22.59
C GLN B 36 29.87 -17.38 -22.83
N ALA B 37 30.93 -17.08 -23.57
CA ALA B 37 31.25 -15.71 -23.94
C ALA B 37 30.07 -15.05 -24.68
N GLY B 38 29.98 -13.73 -24.55
CA GLY B 38 28.96 -12.95 -25.23
C GLY B 38 27.57 -13.08 -24.65
N SER B 39 27.47 -13.56 -23.41
CA SER B 39 26.16 -13.65 -22.78
C SER B 39 25.73 -12.31 -22.24
N ILE B 40 24.43 -12.08 -22.26
CA ILE B 40 23.83 -10.87 -21.69
C ILE B 40 22.72 -11.22 -20.71
N VAL B 41 22.86 -10.75 -19.48
CA VAL B 41 21.79 -10.84 -18.50
C VAL B 41 20.66 -9.89 -18.87
N VAL B 42 19.43 -10.38 -18.91
CA VAL B 42 18.28 -9.53 -19.21
C VAL B 42 17.27 -9.62 -18.08
N LEU B 43 17.02 -8.48 -17.43
CA LEU B 43 16.01 -8.38 -16.37
C LEU B 43 14.92 -7.39 -16.76
N GLN B 44 13.70 -7.68 -16.28
CA GLN B 44 12.55 -6.84 -16.54
C GLN B 44 12.07 -6.27 -15.21
N GLY B 45 11.94 -4.94 -15.14
CA GLY B 45 11.50 -4.27 -13.93
C GLY B 45 10.01 -4.43 -13.71
N GLY B 46 9.53 -4.08 -12.53
CA GLY B 46 8.10 -4.09 -12.29
C GLY B 46 7.40 -3.02 -13.07
N GLU B 47 6.09 -3.21 -13.28
CA GLU B 47 5.22 -2.24 -13.92
C GLU B 47 4.19 -1.69 -12.92
N GLU B 48 3.67 -0.51 -13.23
CA GLU B 48 2.57 0.10 -12.48
C GLU B 48 1.36 -0.78 -12.48
N THR B 49 0.62 -0.80 -11.37
CA THR B 49 -0.64 -1.53 -11.32
C THR B 49 -1.71 -0.64 -10.75
N GLN B 50 -2.96 -1.04 -10.94
CA GLN B 50 -4.11 -0.35 -10.36
C GLN B 50 -4.90 -1.33 -9.51
N ARG B 51 -5.79 -0.81 -8.66
CA ARG B 51 -6.75 -1.66 -7.98
C ARG B 51 -7.72 -2.26 -8.98
N TYR B 52 -7.60 -3.56 -9.24
CA TYR B 52 -8.56 -4.26 -10.07
C TYR B 52 -8.74 -3.54 -11.41
N CYS B 53 -9.98 -3.28 -11.83
CA CYS B 53 -10.22 -2.63 -13.12
C CYS B 53 -10.36 -1.11 -13.02
N THR B 54 -10.07 -0.55 -11.86
CA THR B 54 -10.26 0.89 -11.64
C THR B 54 -9.03 1.65 -12.12
N ASP B 55 -9.05 2.98 -12.05
CA ASP B 55 -7.84 3.73 -12.37
C ASP B 55 -7.15 4.17 -11.07
N THR B 56 -7.49 3.53 -9.96
CA THR B 56 -6.82 3.85 -8.70
C THR B 56 -5.44 3.21 -8.69
N GLY B 57 -4.42 4.05 -8.72
CA GLY B 57 -3.05 3.56 -8.78
C GLY B 57 -2.60 2.96 -7.45
N VAL B 58 -1.90 1.85 -7.56
CA VAL B 58 -1.23 1.24 -6.42
C VAL B 58 0.20 1.79 -6.38
N LEU B 59 0.66 2.19 -5.21
CA LEU B 59 2.01 2.75 -5.07
C LEU B 59 3.06 1.73 -5.55
N PHE B 60 3.93 2.16 -6.45
CA PHE B 60 4.84 1.22 -7.12
C PHE B 60 6.07 0.94 -6.25
N ARG B 61 6.36 -0.35 -6.08
CA ARG B 61 7.56 -0.81 -5.40
C ARG B 61 8.30 -1.80 -6.31
N GLN B 62 9.58 -1.56 -6.54
CA GLN B 62 10.33 -2.29 -7.55
C GLN B 62 10.41 -3.77 -7.23
N GLU B 63 10.48 -4.57 -8.29
CA GLU B 63 10.73 -6.00 -8.16
C GLU B 63 12.11 -6.18 -7.56
N SER B 64 12.27 -7.14 -6.64
CA SER B 64 13.47 -7.18 -5.83
C SER B 64 14.78 -7.52 -6.56
N PHE B 65 14.77 -8.48 -7.47
CA PHE B 65 15.98 -8.78 -8.22
C PHE B 65 16.42 -7.59 -9.07
N PHE B 66 15.45 -6.93 -9.71
CA PHE B 66 15.76 -5.76 -10.52
C PHE B 66 16.34 -4.65 -9.67
N HIS B 67 15.76 -4.44 -8.50
CA HIS B 67 16.31 -3.45 -7.57
C HIS B 67 17.75 -3.79 -7.17
N TRP B 68 17.98 -5.04 -6.83
CA TRP B 68 19.31 -5.47 -6.39
C TRP B 68 20.37 -5.14 -7.43
N ALA B 69 20.03 -5.34 -8.69
CA ALA B 69 20.94 -5.10 -9.80
C ALA B 69 21.06 -3.62 -10.21
N PHE B 70 19.95 -2.85 -10.11
CA PHE B 70 19.93 -1.50 -10.70
C PHE B 70 19.48 -0.36 -9.79
N GLY B 71 18.74 -0.66 -8.72
CA GLY B 71 18.30 0.38 -7.80
C GLY B 71 17.32 1.37 -8.39
N VAL B 72 16.61 0.95 -9.44
CA VAL B 72 15.73 1.82 -10.21
C VAL B 72 14.34 1.87 -9.62
N THR B 73 13.85 3.09 -9.36
CA THR B 73 12.57 3.28 -8.69
C THR B 73 11.41 3.46 -9.66
N GLU B 74 11.70 3.75 -10.93
CA GLU B 74 10.66 3.97 -11.91
C GLU B 74 10.06 2.68 -12.46
N PRO B 75 8.75 2.66 -12.69
CA PRO B 75 8.11 1.50 -13.30
C PRO B 75 8.37 1.41 -14.80
N GLY B 76 8.26 0.21 -15.36
CA GLY B 76 8.29 0.02 -16.81
C GLY B 76 9.66 -0.14 -17.45
N CYS B 77 10.70 -0.33 -16.64
CA CYS B 77 12.05 -0.45 -17.14
C CYS B 77 12.49 -1.89 -17.38
N TYR B 78 13.55 -2.02 -18.20
CA TYR B 78 14.36 -3.24 -18.29
C TYR B 78 15.81 -2.90 -18.04
N GLY B 79 16.60 -3.92 -17.75
CA GLY B 79 18.02 -3.72 -17.52
C GLY B 79 18.82 -4.92 -18.04
N VAL B 80 19.91 -4.63 -18.74
CA VAL B 80 20.77 -5.70 -19.24
C VAL B 80 22.21 -5.48 -18.82
N ILE B 81 22.94 -6.59 -18.70
CA ILE B 81 24.31 -6.55 -18.25
C ILE B 81 25.10 -7.48 -19.15
N ASP B 82 26.14 -6.95 -19.79
CA ASP B 82 27.03 -7.76 -20.59
C ASP B 82 27.98 -8.47 -19.64
N VAL B 83 27.94 -9.80 -19.66
CA VAL B 83 28.66 -10.58 -18.68
C VAL B 83 30.16 -10.44 -18.82
N ASP B 84 30.65 -10.39 -20.06
CA ASP B 84 32.10 -10.37 -20.27
C ASP B 84 32.73 -9.05 -19.86
N THR B 85 32.02 -7.94 -20.08
CA THR B 85 32.57 -6.60 -19.82
C THR B 85 31.96 -5.94 -18.58
N GLY B 86 30.83 -6.46 -18.10
CA GLY B 86 30.12 -5.84 -17.01
C GLY B 86 29.35 -4.58 -17.41
N LYS B 87 29.37 -4.26 -18.69
CA LYS B 87 28.64 -3.07 -19.19
C LYS B 87 27.15 -3.14 -18.89
N SER B 88 26.59 -2.07 -18.31
CA SER B 88 25.18 -2.03 -17.94
CA SER B 88 25.18 -2.03 -17.96
C SER B 88 24.38 -1.07 -18.83
N THR B 89 23.21 -1.52 -19.27
CA THR B 89 22.29 -0.67 -20.03
C THR B 89 20.90 -0.69 -19.40
N LEU B 90 20.38 0.49 -19.10
CA LEU B 90 19.06 0.63 -18.53
C LEU B 90 18.11 1.01 -19.65
N PHE B 91 16.95 0.35 -19.72
CA PHE B 91 15.93 0.72 -20.69
C PHE B 91 14.78 1.38 -19.95
N VAL B 92 14.43 2.58 -20.38
CA VAL B 92 13.39 3.38 -19.70
C VAL B 92 12.21 3.63 -20.63
N PRO B 93 11.02 3.82 -20.06
CA PRO B 93 9.86 4.06 -20.93
C PRO B 93 9.95 5.34 -21.71
N ARG B 94 9.43 5.28 -22.93
CA ARG B 94 9.36 6.44 -23.79
C ARG B 94 8.02 7.11 -23.51
N LEU B 95 8.02 8.20 -22.75
CA LEU B 95 6.76 8.74 -22.23
C LEU B 95 6.02 9.67 -23.20
N PRO B 96 4.67 9.70 -23.10
CA PRO B 96 3.86 10.64 -23.86
C PRO B 96 4.01 12.07 -23.31
N ALA B 97 3.75 13.07 -24.15
CA ALA B 97 3.89 14.47 -23.77
C ALA B 97 3.05 14.79 -22.55
N SER B 98 1.82 14.25 -22.54
CA SER B 98 0.87 14.52 -21.45
C SER B 98 1.39 14.10 -20.07
N HIS B 99 2.45 13.30 -20.05
CA HIS B 99 3.10 12.91 -18.79
C HIS B 99 3.59 14.17 -18.06
N ALA B 100 3.96 15.17 -18.85
CA ALA B 100 4.47 16.45 -18.35
C ALA B 100 3.41 17.13 -17.49
N THR B 101 2.17 17.04 -17.96
CA THR B 101 1.03 17.59 -17.24
C THR B 101 0.71 16.81 -15.96
N TRP B 102 0.55 15.50 -16.07
CA TRP B 102 -0.03 14.71 -14.97
C TRP B 102 0.98 14.09 -13.99
N MET B 103 2.17 13.76 -14.46
CA MET B 103 3.10 12.93 -13.70
C MET B 103 4.43 13.62 -13.38
N GLY B 104 4.79 14.62 -14.17
CA GLY B 104 6.00 15.40 -13.90
C GLY B 104 6.94 15.44 -15.08
N LYS B 105 8.15 15.98 -14.84
CA LYS B 105 9.09 16.25 -15.92
C LYS B 105 9.43 14.98 -16.69
N ILE B 106 9.50 15.11 -18.01
CA ILE B 106 9.92 13.99 -18.84
C ILE B 106 11.44 14.04 -18.91
N HIS B 107 12.07 13.24 -18.04
CA HIS B 107 13.51 13.20 -17.93
C HIS B 107 14.18 12.59 -19.16
N SER B 108 15.35 13.11 -19.49
CA SER B 108 16.11 12.61 -20.61
C SER B 108 16.76 11.28 -20.28
N LYS B 109 17.16 10.56 -21.32
CA LYS B 109 17.95 9.35 -21.12
C LYS B 109 19.21 9.68 -20.34
N GLU B 110 19.81 10.82 -20.67
CA GLU B 110 21.05 11.23 -20.01
C GLU B 110 20.83 11.48 -18.52
N HIS B 111 19.66 12.02 -18.17
CA HIS B 111 19.32 12.20 -16.76
C HIS B 111 19.39 10.86 -16.04
N PHE B 112 18.80 9.84 -16.66
CA PHE B 112 18.77 8.54 -16.03
C PHE B 112 20.14 7.90 -15.99
N LYS B 113 20.96 8.15 -17.00
CA LYS B 113 22.31 7.59 -17.00
C LYS B 113 23.09 8.15 -15.82
N GLU B 114 22.98 9.46 -15.63
CA GLU B 114 23.65 10.14 -14.55
C GLU B 114 23.08 9.73 -13.18
N LYS B 115 21.77 9.60 -13.10
CA LYS B 115 21.09 9.24 -11.86
C LYS B 115 21.50 7.87 -11.36
N TYR B 116 21.58 6.91 -12.27
CA TYR B 116 21.77 5.51 -11.89
C TYR B 116 23.20 5.00 -12.12
N ALA B 117 24.03 5.83 -12.76
CA ALA B 117 25.44 5.53 -12.99
C ALA B 117 25.59 4.20 -13.73
N VAL B 118 24.78 4.08 -14.78
CA VAL B 118 24.91 2.95 -15.70
C VAL B 118 25.70 3.39 -16.91
N ASP B 119 26.10 2.43 -17.74
CA ASP B 119 26.94 2.75 -18.90
C ASP B 119 26.15 3.30 -20.08
N ASP B 120 24.87 2.95 -20.17
CA ASP B 120 24.06 3.40 -21.29
C ASP B 120 22.59 3.39 -20.91
N VAL B 121 21.82 4.30 -21.50
CA VAL B 121 20.38 4.32 -21.35
C VAL B 121 19.71 4.36 -22.71
N GLN B 122 18.66 3.56 -22.88
CA GLN B 122 17.92 3.50 -24.14
C GLN B 122 16.44 3.45 -23.82
N TYR B 123 15.60 3.65 -24.82
CA TYR B 123 14.16 3.47 -24.62
C TYR B 123 13.77 2.01 -24.72
N VAL B 124 12.77 1.62 -23.93
CA VAL B 124 12.33 0.23 -23.85
C VAL B 124 11.95 -0.33 -25.21
N ASP B 125 11.29 0.46 -26.05
CA ASP B 125 10.84 -0.08 -27.32
C ASP B 125 12.03 -0.38 -28.24
N GLU B 126 13.22 0.08 -27.88
CA GLU B 126 14.40 -0.21 -28.71
C GLU B 126 15.17 -1.44 -28.26
N ILE B 127 14.67 -2.17 -27.26
CA ILE B 127 15.49 -3.23 -26.67
C ILE B 127 15.87 -4.31 -27.70
N ALA B 128 14.96 -4.70 -28.59
CA ALA B 128 15.28 -5.74 -29.58
C ALA B 128 16.38 -5.26 -30.53
N SER B 129 16.29 -4.01 -30.97
CA SER B 129 17.32 -3.46 -31.86
C SER B 129 18.69 -3.40 -31.18
N VAL B 130 18.71 -2.88 -29.97
CA VAL B 130 19.95 -2.67 -29.23
C VAL B 130 20.62 -4.03 -28.95
N LEU B 131 19.83 -5.01 -28.54
CA LEU B 131 20.42 -6.33 -28.25
C LEU B 131 20.88 -7.00 -29.53
N THR B 132 20.12 -6.83 -30.61
CA THR B 132 20.48 -7.40 -31.89
C THR B 132 21.84 -6.88 -32.35
N SER B 133 22.05 -5.57 -32.17
CA SER B 133 23.28 -4.94 -32.60
CA SER B 133 23.28 -4.93 -32.59
C SER B 133 24.50 -5.47 -31.84
N GLN B 134 24.27 -5.97 -30.63
CA GLN B 134 25.38 -6.46 -29.81
C GLN B 134 25.71 -7.94 -30.10
N LYS B 135 24.89 -8.60 -30.91
CA LYS B 135 25.16 -9.97 -31.33
C LYS B 135 25.48 -10.90 -30.14
N PRO B 136 24.57 -10.98 -29.17
CA PRO B 136 24.85 -11.88 -28.05
C PRO B 136 24.76 -13.33 -28.44
N SER B 137 25.49 -14.17 -27.73
CA SER B 137 25.38 -15.60 -27.90
C SER B 137 24.06 -16.09 -27.32
N VAL B 138 23.74 -15.64 -26.11
CA VAL B 138 22.56 -16.10 -25.40
C VAL B 138 22.12 -15.01 -24.44
N LEU B 139 20.81 -14.91 -24.25
CA LEU B 139 20.24 -14.03 -23.23
C LEU B 139 19.98 -14.86 -21.98
N LEU B 140 20.50 -14.40 -20.86
CA LEU B 140 20.28 -15.09 -19.60
C LEU B 140 19.17 -14.38 -18.85
N THR B 141 18.00 -15.03 -18.75
CA THR B 141 16.87 -14.49 -18.03
C THR B 141 16.60 -15.23 -16.72
N LEU B 142 15.74 -14.62 -15.93
CA LEU B 142 15.50 -15.00 -14.57
C LEU B 142 14.22 -15.78 -14.43
N ARG B 143 14.36 -17.05 -14.04
CA ARG B 143 13.22 -17.89 -13.74
C ARG B 143 13.62 -18.88 -12.66
N GLY B 144 12.82 -18.96 -11.60
CA GLY B 144 13.06 -19.93 -10.55
C GLY B 144 11.94 -19.92 -9.54
N VAL B 145 12.00 -20.83 -8.57
CA VAL B 145 10.96 -20.93 -7.54
C VAL B 145 11.41 -20.24 -6.26
N ASN B 146 10.54 -19.39 -5.72
CA ASN B 146 10.76 -18.83 -4.41
C ASN B 146 10.35 -19.88 -3.39
N THR B 147 11.22 -20.17 -2.43
CA THR B 147 10.96 -21.33 -1.57
C THR B 147 10.16 -20.96 -0.33
N ASP B 148 9.79 -19.69 -0.22
CA ASP B 148 8.88 -19.24 0.83
C ASP B 148 7.43 -19.12 0.32
N SER B 149 7.25 -18.59 -0.90
CA SER B 149 5.92 -18.47 -1.48
C SER B 149 5.54 -19.69 -2.30
N GLY B 150 6.54 -20.33 -2.88
CA GLY B 150 6.31 -21.39 -3.84
C GLY B 150 6.06 -20.84 -5.25
N SER B 151 6.05 -19.51 -5.38
CA SER B 151 5.74 -18.89 -6.67
C SER B 151 6.95 -18.95 -7.60
N VAL B 152 6.67 -19.09 -8.90
CA VAL B 152 7.69 -19.02 -9.94
C VAL B 152 7.97 -17.58 -10.36
N CYS B 153 9.22 -17.15 -10.22
CA CYS B 153 9.67 -15.86 -10.70
C CYS B 153 9.65 -15.91 -12.23
N ARG B 154 8.92 -14.99 -12.83
CA ARG B 154 8.71 -15.02 -14.27
C ARG B 154 9.73 -14.21 -15.06
N GLU B 155 10.17 -14.84 -16.15
CA GLU B 155 11.15 -14.32 -17.09
C GLU B 155 10.89 -12.95 -17.73
N ALA B 156 11.95 -12.20 -17.96
CA ALA B 156 11.88 -11.05 -18.87
C ALA B 156 11.38 -11.48 -20.22
N SER B 157 10.53 -10.64 -20.80
CA SER B 157 10.06 -10.85 -22.15
C SER B 157 9.90 -9.50 -22.85
N PHE B 158 10.20 -9.47 -24.15
CA PHE B 158 9.93 -8.29 -24.97
C PHE B 158 9.61 -8.74 -26.37
N ASP B 159 8.94 -7.86 -27.13
CA ASP B 159 8.61 -8.17 -28.51
CA ASP B 159 8.61 -8.16 -28.52
C ASP B 159 9.89 -8.40 -29.32
N GLY B 160 10.03 -9.59 -29.87
CA GLY B 160 11.20 -9.96 -30.64
C GLY B 160 12.20 -10.83 -29.91
N ILE B 161 11.93 -11.15 -28.65
CA ILE B 161 12.86 -11.96 -27.87
C ILE B 161 13.02 -13.35 -28.49
N SER B 162 12.01 -13.79 -29.24
CA SER B 162 12.00 -15.14 -29.80
C SER B 162 13.05 -15.33 -30.89
N LYS B 163 13.62 -14.22 -31.35
CA LYS B 163 14.66 -14.29 -32.36
C LYS B 163 16.04 -14.48 -31.70
N PHE B 164 16.06 -14.52 -30.37
CA PHE B 164 17.31 -14.70 -29.62
C PHE B 164 17.37 -16.10 -29.02
N GLU B 165 18.59 -16.54 -28.76
CA GLU B 165 18.82 -17.72 -27.94
C GLU B 165 18.64 -17.31 -26.50
N VAL B 166 17.73 -17.99 -25.79
CA VAL B 166 17.43 -17.61 -24.41
C VAL B 166 17.63 -18.80 -23.48
N ASN B 167 18.29 -18.55 -22.37
CA ASN B 167 18.47 -19.53 -21.31
C ASN B 167 17.88 -18.97 -20.05
N ASN B 168 17.01 -19.73 -19.41
CA ASN B 168 16.33 -19.26 -18.20
C ASN B 168 16.61 -20.12 -16.97
N THR B 169 17.68 -20.91 -17.02
CA THR B 169 18.02 -21.78 -15.89
C THR B 169 19.31 -21.38 -15.16
N ILE B 170 20.23 -20.73 -15.86
CA ILE B 170 21.52 -20.44 -15.25
C ILE B 170 21.48 -19.33 -14.19
N LEU B 171 20.73 -18.26 -14.50
CA LEU B 171 20.84 -17.03 -13.75
C LEU B 171 20.29 -17.11 -12.32
N HIS B 172 19.11 -17.69 -12.16
CA HIS B 172 18.39 -17.61 -10.90
C HIS B 172 19.22 -18.08 -9.70
N PRO B 173 19.78 -19.31 -9.73
CA PRO B 173 20.54 -19.72 -8.55
C PRO B 173 21.77 -18.85 -8.29
N GLU B 174 22.33 -18.29 -9.35
CA GLU B 174 23.52 -17.44 -9.21
C GLU B 174 23.20 -16.07 -8.60
N ILE B 175 22.18 -15.40 -9.10
CA ILE B 175 21.83 -14.09 -8.58
C ILE B 175 21.21 -14.25 -7.17
N VAL B 176 20.54 -15.36 -6.91
CA VAL B 176 20.08 -15.66 -5.55
C VAL B 176 21.29 -15.78 -4.63
N GLU B 177 22.29 -16.54 -5.04
CA GLU B 177 23.43 -16.73 -4.19
C GLU B 177 24.16 -15.40 -3.94
N CYS B 178 24.24 -14.52 -4.94
CA CYS B 178 24.82 -13.20 -4.69
C CYS B 178 24.01 -12.42 -3.63
N ARG B 179 22.69 -12.54 -3.68
CA ARG B 179 21.85 -11.79 -2.76
C ARG B 179 21.99 -12.28 -1.33
N VAL B 180 22.33 -13.56 -1.16
CA VAL B 180 22.50 -14.16 0.16
C VAL B 180 23.64 -13.49 0.93
N PHE B 181 24.66 -13.03 0.21
CA PHE B 181 25.85 -12.45 0.83
C PHE B 181 25.87 -10.95 0.65
N LYS B 182 25.72 -10.23 1.75
CA LYS B 182 25.54 -8.78 1.69
C LYS B 182 26.89 -8.10 1.60
N THR B 183 26.98 -7.12 0.71
CA THR B 183 28.18 -6.30 0.62
C THR B 183 28.19 -5.31 1.77
N ASP B 184 29.33 -4.68 1.99
CA ASP B 184 29.43 -3.68 3.04
C ASP B 184 28.49 -2.50 2.76
N MET B 185 28.30 -2.16 1.49
CA MET B 185 27.36 -1.08 1.17
C MET B 185 25.93 -1.47 1.51
N GLU B 186 25.55 -2.72 1.27
CA GLU B 186 24.21 -3.17 1.63
C GLU B 186 24.03 -3.19 3.15
N LEU B 187 25.07 -3.62 3.86
CA LEU B 187 24.99 -3.65 5.32
C LEU B 187 24.78 -2.23 5.86
N GLU B 188 25.38 -1.23 5.23
CA GLU B 188 25.14 0.14 5.67
C GLU B 188 23.65 0.49 5.61
N VAL B 189 22.94 0.00 4.59
CA VAL B 189 21.53 0.30 4.49
C VAL B 189 20.74 -0.49 5.53
N LEU B 190 21.12 -1.73 5.78
CA LEU B 190 20.39 -2.56 6.76
C LEU B 190 20.62 -2.09 8.19
N ARG B 191 21.78 -1.50 8.46
CA ARG B 191 22.04 -0.87 9.75
C ARG B 191 21.08 0.31 9.92
N TYR B 192 20.89 1.06 8.84
CA TYR B 192 19.99 2.22 8.86
C TYR B 192 18.54 1.81 9.04
N THR B 193 18.08 0.82 8.29
CA THR B 193 16.70 0.42 8.43
C THR B 193 16.46 -0.10 9.84
N ASN B 194 17.44 -0.81 10.39
CA ASN B 194 17.31 -1.26 11.78
C ASN B 194 17.36 -0.11 12.77
N LYS B 195 18.16 0.91 12.48
CA LYS B 195 18.23 2.06 13.36
C LYS B 195 16.87 2.76 13.45
N ILE B 196 16.27 3.08 12.31
CA ILE B 196 14.99 3.79 12.29
C ILE B 196 13.89 2.94 12.89
N SER B 197 13.83 1.67 12.50
CA SER B 197 12.76 0.81 13.00
C SER B 197 12.90 0.60 14.51
N SER B 198 14.14 0.52 14.98
CA SER B 198 14.39 0.43 16.41
C SER B 198 13.90 1.67 17.12
N GLU B 199 14.21 2.84 16.57
CA GLU B 199 13.73 4.10 17.14
C GLU B 199 12.22 4.12 17.18
N ALA B 200 11.58 3.60 16.13
CA ALA B 200 10.12 3.63 16.05
C ALA B 200 9.49 2.70 17.07
N HIS B 201 10.08 1.52 17.22
CA HIS B 201 9.67 0.59 18.27
C HIS B 201 9.77 1.23 19.65
N ARG B 202 10.83 1.98 19.89
CA ARG B 202 10.96 2.66 21.18
C ARG B 202 9.90 3.73 21.34
N GLU B 203 9.58 4.47 20.28
CA GLU B 203 8.49 5.43 20.39
C GLU B 203 7.16 4.74 20.68
N VAL B 204 6.95 3.55 20.12
CA VAL B 204 5.71 2.83 20.32
C VAL B 204 5.63 2.40 21.77
N MET B 205 6.73 1.88 22.30
CA MET B 205 6.76 1.46 23.68
C MET B 205 6.46 2.64 24.63
N LYS B 206 6.94 3.82 24.27
CA LYS B 206 6.70 5.00 25.09
C LYS B 206 5.26 5.46 25.01
N ALA B 207 4.60 5.17 23.88
CA ALA B 207 3.31 5.76 23.61
C ALA B 207 2.15 4.86 23.99
N VAL B 208 2.37 3.55 24.06
CA VAL B 208 1.29 2.61 24.35
CA VAL B 208 1.29 2.63 24.36
C VAL B 208 0.63 2.93 25.68
N LYS B 209 -0.70 2.97 25.64
CA LYS B 209 -1.52 3.11 26.83
C LYS B 209 -2.65 2.11 26.75
N VAL B 210 -3.03 1.56 27.90
CA VAL B 210 -4.23 0.73 28.00
C VAL B 210 -5.41 1.48 27.45
N GLY B 211 -6.24 0.79 26.68
CA GLY B 211 -7.39 1.41 26.04
C GLY B 211 -7.16 1.84 24.61
N MET B 212 -5.92 1.87 24.15
CA MET B 212 -5.67 2.17 22.74
C MET B 212 -6.02 0.98 21.87
N LYS B 213 -6.35 1.25 20.62
CA LYS B 213 -6.47 0.21 19.60
C LYS B 213 -5.08 -0.14 19.08
N GLU B 214 -4.87 -1.40 18.76
CA GLU B 214 -3.59 -1.85 18.24
C GLU B 214 -3.16 -1.02 17.03
N TYR B 215 -4.11 -0.69 16.17
CA TYR B 215 -3.77 0.00 14.92
C TYR B 215 -3.25 1.40 15.17
N GLU B 216 -3.54 1.97 16.34
CA GLU B 216 -3.00 3.29 16.66
C GLU B 216 -1.49 3.24 16.77
N LEU B 217 -0.97 2.13 17.27
CA LEU B 217 0.47 1.95 17.34
C LEU B 217 1.05 1.58 15.97
N GLU B 218 0.34 0.80 15.18
CA GLU B 218 0.76 0.55 13.81
C GLU B 218 0.94 1.88 13.07
N SER B 219 -0.05 2.75 13.19
CA SER B 219 -0.02 4.07 12.57
C SER B 219 1.17 4.90 13.04
N LEU B 220 1.41 4.93 14.34
CA LEU B 220 2.52 5.70 14.89
C LEU B 220 3.88 5.19 14.40
N PHE B 221 4.04 3.88 14.38
CA PHE B 221 5.27 3.25 13.88
C PHE B 221 5.56 3.67 12.44
N GLU B 222 4.55 3.56 11.59
CA GLU B 222 4.73 3.86 10.18
C GLU B 222 5.01 5.34 9.99
N HIS B 223 4.35 6.18 10.80
CA HIS B 223 4.55 7.63 10.74
C HIS B 223 5.98 7.98 11.14
N TYR B 224 6.51 7.36 12.20
CA TYR B 224 7.91 7.59 12.56
C TYR B 224 8.80 7.18 11.39
N CYS B 225 8.56 5.98 10.86
CA CYS B 225 9.46 5.47 9.82
C CYS B 225 9.44 6.33 8.57
N TYR B 226 8.27 6.81 8.17
CA TYR B 226 8.20 7.64 6.98
C TYR B 226 8.72 9.06 7.24
N SER B 227 8.15 9.75 8.23
CA SER B 227 8.49 11.16 8.43
C SER B 227 9.94 11.36 8.88
N ARG B 228 10.48 10.44 9.69
CA ARG B 228 11.85 10.57 10.20
C ARG B 228 12.85 9.73 9.43
N GLY B 229 12.38 8.65 8.82
CA GLY B 229 13.26 7.71 8.14
C GLY B 229 13.21 7.72 6.63
N GLY B 230 12.21 8.39 6.06
CA GLY B 230 11.96 8.33 4.65
C GLY B 230 11.51 6.96 4.16
N MET B 231 10.99 6.16 5.07
CA MET B 231 10.48 4.85 4.73
C MET B 231 9.02 4.91 4.38
N ARG B 232 8.74 4.96 3.07
CA ARG B 232 7.37 5.11 2.57
C ARG B 232 6.61 3.80 2.72
N HIS B 233 7.36 2.69 2.66
CA HIS B 233 6.80 1.35 2.79
C HIS B 233 7.25 0.71 4.09
N SER B 234 6.42 -0.20 4.58
CA SER B 234 6.86 -1.21 5.54
C SER B 234 7.38 -2.44 4.80
N SER B 235 8.23 -3.21 5.47
CA SER B 235 8.80 -4.43 4.87
C SER B 235 7.73 -5.53 4.76
N TYR B 236 6.69 -5.38 5.58
CA TYR B 236 5.57 -6.34 5.67
C TYR B 236 4.49 -5.66 6.48
N THR B 237 3.26 -6.16 6.40
CA THR B 237 2.17 -5.58 7.18
C THR B 237 2.43 -5.74 8.67
N CYS B 238 2.31 -4.63 9.40
CA CYS B 238 2.58 -4.57 10.84
C CYS B 238 1.71 -5.56 11.60
N ILE B 239 2.35 -6.32 12.47
CA ILE B 239 1.67 -7.27 13.34
C ILE B 239 1.63 -6.65 14.74
N CYS B 240 0.47 -6.16 15.15
CA CYS B 240 0.33 -5.52 16.46
C CYS B 240 -0.66 -6.31 17.32
N GLY B 241 -0.20 -7.46 17.82
CA GLY B 241 -1.06 -8.35 18.58
C GLY B 241 -1.04 -8.03 20.07
N SER B 242 -2.20 -7.76 20.66
CA SER B 242 -2.31 -7.58 22.11
C SER B 242 -3.10 -8.74 22.69
N GLY B 243 -2.82 -9.10 23.94
CA GLY B 243 -3.54 -10.17 24.58
C GLY B 243 -3.46 -11.45 23.78
N GLU B 244 -4.59 -12.12 23.63
CA GLU B 244 -4.64 -13.42 22.98
C GLU B 244 -4.12 -13.33 21.55
N ASN B 245 -4.22 -12.14 20.96
CA ASN B 245 -3.74 -11.96 19.58
C ASN B 245 -2.23 -12.12 19.44
N SER B 246 -1.50 -12.01 20.54
CA SER B 246 -0.05 -12.15 20.47
C SER B 246 0.33 -13.61 20.22
N ALA B 247 -0.65 -14.52 20.34
CA ALA B 247 -0.42 -15.93 19.99
C ALA B 247 -0.69 -16.22 18.51
N VAL B 248 -1.10 -15.20 17.76
CA VAL B 248 -1.36 -15.33 16.32
C VAL B 248 -0.18 -14.75 15.54
N LEU B 249 0.56 -15.63 14.86
CA LEU B 249 1.89 -15.30 14.35
C LEU B 249 1.94 -14.17 13.32
N HIS B 250 0.98 -14.16 12.40
CA HIS B 250 0.88 -13.09 11.39
C HIS B 250 -0.45 -12.34 11.51
N TYR B 251 -0.85 -12.10 12.76
CA TYR B 251 -1.98 -11.23 13.08
C TYR B 251 -1.80 -9.87 12.41
N GLY B 252 -2.91 -9.19 12.10
CA GLY B 252 -2.83 -7.83 11.58
C GLY B 252 -3.24 -7.69 10.12
N HIS B 253 -3.38 -8.82 9.43
CA HIS B 253 -3.84 -8.85 8.03
C HIS B 253 -5.30 -8.41 7.93
N ALA B 254 -5.81 -8.32 6.70
CA ALA B 254 -7.15 -7.79 6.44
C ALA B 254 -8.22 -8.53 7.22
N GLY B 255 -8.02 -9.82 7.47
CA GLY B 255 -8.98 -10.65 8.21
C GLY B 255 -8.95 -10.49 9.72
N ALA B 256 -7.85 -9.91 10.22
CA ALA B 256 -7.68 -9.63 11.65
C ALA B 256 -6.85 -8.35 11.77
N PRO B 257 -7.45 -7.19 11.43
CA PRO B 257 -6.71 -5.97 11.13
C PRO B 257 -6.37 -5.07 12.35
N ASN B 258 -5.69 -5.61 13.35
CA ASN B 258 -5.17 -4.81 14.46
C ASN B 258 -6.25 -3.91 15.11
N ASP B 259 -7.44 -4.45 15.31
CA ASP B 259 -8.57 -3.65 15.77
C ASP B 259 -9.04 -4.04 17.17
N ARG B 260 -8.17 -4.68 17.96
CA ARG B 260 -8.49 -5.00 19.36
C ARG B 260 -8.07 -3.86 20.27
N THR B 261 -8.86 -3.62 21.31
CA THR B 261 -8.51 -2.67 22.34
C THR B 261 -7.52 -3.31 23.30
N ILE B 262 -6.42 -2.63 23.56
CA ILE B 262 -5.40 -3.10 24.48
C ILE B 262 -5.94 -3.01 25.91
N GLN B 263 -5.84 -4.13 26.64
CA GLN B 263 -6.39 -4.21 27.99
CA GLN B 263 -6.40 -4.23 27.99
C GLN B 263 -5.31 -4.28 29.05
N ASN B 264 -5.60 -3.76 30.24
CA ASN B 264 -4.68 -3.90 31.35
C ASN B 264 -4.37 -5.37 31.59
N GLY B 265 -3.10 -5.69 31.76
CA GLY B 265 -2.69 -7.05 31.98
C GLY B 265 -2.24 -7.79 30.73
N ASP B 266 -2.57 -7.24 29.56
CA ASP B 266 -2.14 -7.82 28.28
C ASP B 266 -0.63 -7.79 28.08
N MET B 267 -0.13 -8.80 27.39
CA MET B 267 1.17 -8.71 26.77
C MET B 267 0.96 -8.16 25.36
N CYS B 268 1.85 -7.28 24.93
CA CYS B 268 1.88 -6.82 23.56
C CYS B 268 3.01 -7.50 22.81
N LEU B 269 2.76 -7.83 21.55
CA LEU B 269 3.77 -8.43 20.70
C LEU B 269 3.66 -7.65 19.41
N PHE B 270 4.62 -6.77 19.17
CA PHE B 270 4.61 -5.86 18.02
C PHE B 270 5.76 -6.19 17.09
N ASP B 271 5.40 -6.72 15.91
CA ASP B 271 6.35 -7.16 14.91
C ASP B 271 6.18 -6.21 13.73
N MET B 272 7.12 -5.28 13.59
CA MET B 272 7.05 -4.23 12.59
C MET B 272 8.44 -3.87 12.10
N GLY B 273 8.55 -3.47 10.84
CA GLY B 273 9.85 -3.11 10.30
C GLY B 273 9.70 -2.28 9.04
N GLY B 274 10.22 -1.07 9.08
CA GLY B 274 10.24 -0.21 7.91
C GLY B 274 11.19 -0.67 6.82
N GLU B 275 10.90 -0.23 5.60
CA GLU B 275 11.70 -0.52 4.43
C GLU B 275 12.24 0.80 3.87
N TYR B 276 13.54 0.84 3.57
CA TYR B 276 14.15 2.01 2.96
C TYR B 276 14.77 1.64 1.66
N TYR B 277 14.34 2.30 0.58
CA TYR B 277 14.91 2.03 -0.75
C TYR B 277 14.96 0.50 -1.00
N CYS B 278 13.84 -0.16 -0.70
CA CYS B 278 13.64 -1.61 -0.89
C CYS B 278 14.55 -2.51 -0.05
N PHE B 279 15.16 -1.99 1.01
CA PHE B 279 15.89 -2.82 1.94
C PHE B 279 15.05 -2.98 3.20
N ALA B 280 14.96 -4.20 3.70
CA ALA B 280 14.08 -4.52 4.83
C ALA B 280 14.67 -4.30 6.20
N SER B 281 13.76 -4.32 7.18
CA SER B 281 14.10 -4.60 8.55
C SER B 281 12.92 -5.40 9.11
N ASP B 282 13.16 -6.10 10.21
CA ASP B 282 12.16 -7.03 10.70
C ASP B 282 12.42 -7.22 12.19
N ILE B 283 11.68 -6.48 13.01
CA ILE B 283 11.93 -6.43 14.45
C ILE B 283 10.64 -6.72 15.22
N THR B 284 10.76 -7.54 16.26
CA THR B 284 9.64 -7.78 17.18
C THR B 284 10.06 -7.43 18.60
N CYS B 285 9.18 -6.66 19.24
CA CYS B 285 9.31 -6.28 20.65
C CYS B 285 8.09 -6.82 21.36
N SER B 286 8.32 -7.42 22.53
CA SER B 286 7.25 -7.89 23.37
C SER B 286 7.35 -7.17 24.71
N PHE B 287 6.21 -6.74 25.23
CA PHE B 287 6.20 -5.98 26.48
C PHE B 287 4.79 -5.92 27.07
N PRO B 288 4.68 -5.72 28.39
CA PRO B 288 3.35 -5.56 29.00
C PRO B 288 2.70 -4.23 28.62
N ALA B 289 1.42 -4.28 28.25
CA ALA B 289 0.63 -3.09 27.90
C ALA B 289 0.72 -1.99 28.94
N ASN B 290 0.69 -2.38 30.22
CA ASN B 290 0.64 -1.41 31.29
C ASN B 290 2.01 -1.03 31.81
N GLY B 291 3.06 -1.57 31.19
CA GLY B 291 4.42 -1.19 31.52
C GLY B 291 5.04 -1.90 32.71
N LYS B 292 4.30 -2.83 33.31
CA LYS B 292 4.83 -3.62 34.42
C LYS B 292 4.63 -5.12 34.19
N PHE B 293 5.74 -5.84 34.12
CA PHE B 293 5.68 -7.29 33.94
C PHE B 293 5.12 -7.93 35.19
N THR B 294 4.09 -8.77 35.04
CA THR B 294 3.71 -9.66 36.13
C THR B 294 4.78 -10.74 36.27
N ALA B 295 4.72 -11.51 37.36
CA ALA B 295 5.67 -12.60 37.54
C ALA B 295 5.59 -13.61 36.39
N ASP B 296 4.37 -13.97 36.00
CA ASP B 296 4.17 -14.88 34.88
C ASP B 296 4.72 -14.30 33.57
N GLN B 297 4.46 -13.01 33.33
CA GLN B 297 4.95 -12.39 32.10
C GLN B 297 6.47 -12.34 32.09
N LYS B 298 7.05 -12.01 33.25
CA LYS B 298 8.49 -11.95 33.36
C LYS B 298 9.12 -13.30 33.08
N ALA B 299 8.49 -14.36 33.58
CA ALA B 299 9.04 -15.70 33.40
C ALA B 299 9.04 -16.14 31.91
N VAL B 300 7.92 -15.92 31.22
CA VAL B 300 7.84 -16.33 29.83
C VAL B 300 8.78 -15.46 29.01
N TYR B 301 8.77 -14.15 29.27
CA TYR B 301 9.63 -13.23 28.53
C TYR B 301 11.11 -13.58 28.68
N GLU B 302 11.55 -13.80 29.91
CA GLU B 302 12.96 -14.08 30.15
C GLU B 302 13.38 -15.44 29.60
N ALA B 303 12.43 -16.36 29.43
CA ALA B 303 12.73 -17.63 28.77
C ALA B 303 13.13 -17.39 27.30
N VAL B 304 12.38 -16.51 26.63
CA VAL B 304 12.67 -16.16 25.25
C VAL B 304 13.92 -15.31 25.16
N LEU B 305 14.14 -14.47 26.17
CA LEU B 305 15.34 -13.65 26.18
C LEU B 305 16.55 -14.58 26.30
N ARG B 306 16.44 -15.59 27.13
CA ARG B 306 17.54 -16.52 27.30
C ARG B 306 17.86 -17.26 25.98
N SER B 307 16.84 -17.72 25.26
CA SER B 307 17.14 -18.45 24.02
C SER B 307 17.65 -17.48 22.96
N SER B 308 17.12 -16.27 22.93
CA SER B 308 17.61 -15.26 21.98
C SER B 308 19.11 -15.07 22.17
N ARG B 309 19.52 -14.88 23.42
CA ARG B 309 20.91 -14.58 23.70
C ARG B 309 21.78 -15.81 23.57
N ALA B 310 21.25 -17.00 23.86
CA ALA B 310 22.03 -18.21 23.69
C ALA B 310 22.33 -18.41 22.21
N VAL B 311 21.31 -18.21 21.39
CA VAL B 311 21.50 -18.37 19.96
C VAL B 311 22.47 -17.30 19.44
N MET B 312 22.27 -16.03 19.81
CA MET B 312 23.16 -14.99 19.30
C MET B 312 24.60 -15.25 19.73
N GLY B 313 24.78 -15.77 20.93
CA GLY B 313 26.11 -16.09 21.42
C GLY B 313 26.76 -17.29 20.73
N ALA B 314 25.95 -18.17 20.16
CA ALA B 314 26.44 -19.39 19.56
C ALA B 314 26.67 -19.24 18.04
N MET B 315 26.01 -18.27 17.44
CA MET B 315 26.10 -18.07 15.98
C MET B 315 27.47 -17.63 15.50
N LYS B 316 27.98 -18.36 14.50
CA LYS B 316 29.26 -18.05 13.90
C LYS B 316 29.35 -18.83 12.60
N PRO B 317 30.30 -18.50 11.73
CA PRO B 317 30.45 -19.27 10.50
C PRO B 317 30.61 -20.76 10.79
N GLY B 318 29.98 -21.60 9.96
CA GLY B 318 30.08 -23.04 10.12
C GLY B 318 28.97 -23.69 10.93
N VAL B 319 28.25 -22.87 11.71
CA VAL B 319 27.15 -23.37 12.51
C VAL B 319 25.98 -23.74 11.59
N TRP B 320 25.35 -24.88 11.86
CA TRP B 320 24.20 -25.32 11.08
C TRP B 320 22.92 -24.71 11.66
N TRP B 321 22.18 -23.95 10.84
CA TRP B 321 21.05 -23.18 11.41
C TRP B 321 20.01 -24.06 12.14
N PRO B 322 19.65 -25.24 11.60
CA PRO B 322 18.74 -26.11 12.36
C PRO B 322 19.24 -26.45 13.77
N ASP B 323 20.55 -26.47 14.01
CA ASP B 323 21.04 -26.73 15.37
C ASP B 323 20.68 -25.56 16.28
N MET B 324 20.63 -24.35 15.73
CA MET B 324 20.27 -23.16 16.52
C MET B 324 18.80 -23.23 16.87
N HIS B 325 17.99 -23.66 15.93
CA HIS B 325 16.56 -23.85 16.21
C HIS B 325 16.36 -24.84 17.36
N ARG B 326 17.08 -25.97 17.30
CA ARG B 326 16.99 -26.98 18.35
C ARG B 326 17.50 -26.46 19.69
N LEU B 327 18.53 -25.62 19.65
CA LEU B 327 19.03 -24.99 20.87
C LEU B 327 17.92 -24.15 21.52
N ALA B 328 17.23 -23.34 20.71
CA ALA B 328 16.16 -22.50 21.24
C ALA B 328 15.05 -23.36 21.82
N ASP B 329 14.73 -24.46 21.14
CA ASP B 329 13.70 -25.39 21.59
C ASP B 329 14.04 -25.93 22.98
N ARG B 330 15.28 -26.38 23.15
CA ARG B 330 15.72 -26.98 24.41
C ARG B 330 15.64 -25.96 25.54
N ILE B 331 16.10 -24.73 25.28
CA ILE B 331 16.06 -23.67 26.27
C ILE B 331 14.60 -23.34 26.62
N HIS B 332 13.72 -23.21 25.65
CA HIS B 332 12.32 -22.94 25.98
C HIS B 332 11.74 -24.04 26.86
N LEU B 333 12.03 -25.28 26.52
CA LEU B 333 11.52 -26.40 27.29
C LEU B 333 12.09 -26.43 28.72
N GLU B 334 13.38 -26.15 28.86
CA GLU B 334 13.98 -26.08 30.20
C GLU B 334 13.30 -25.02 31.05
N GLU B 335 13.07 -23.85 30.45
CA GLU B 335 12.55 -22.72 31.20
C GLU B 335 11.07 -22.89 31.49
N LEU B 336 10.36 -23.53 30.58
CA LEU B 336 8.94 -23.80 30.82
C LEU B 336 8.80 -24.81 31.95
N ALA B 337 9.78 -25.69 32.09
CA ALA B 337 9.79 -26.61 33.22
C ALA B 337 10.19 -25.89 34.52
N HIS B 338 11.13 -24.95 34.43
CA HIS B 338 11.52 -24.17 35.59
C HIS B 338 10.34 -23.32 36.10
N MET B 339 9.37 -23.06 35.21
CA MET B 339 8.16 -22.30 35.56
CA MET B 339 8.17 -22.30 35.55
C MET B 339 7.06 -23.16 36.12
N GLY B 340 7.22 -24.47 36.03
CA GLY B 340 6.20 -25.40 36.50
C GLY B 340 5.12 -25.71 35.48
N ILE B 341 5.25 -25.18 34.26
CA ILE B 341 4.32 -25.51 33.20
C ILE B 341 4.55 -26.92 32.68
N LEU B 342 5.81 -27.32 32.64
CA LEU B 342 6.21 -28.65 32.20
C LEU B 342 6.91 -29.36 33.34
N SER B 343 6.87 -30.69 33.32
CA SER B 343 7.65 -31.51 34.24
C SER B 343 8.15 -32.76 33.52
N GLY B 344 9.19 -33.38 34.07
CA GLY B 344 9.78 -34.56 33.47
C GLY B 344 11.14 -34.26 32.86
N SER B 345 11.64 -35.21 32.08
CA SER B 345 12.96 -35.10 31.46
C SER B 345 12.91 -34.25 30.21
N VAL B 346 13.72 -33.19 30.19
CA VAL B 346 13.80 -32.31 29.04
C VAL B 346 14.31 -33.06 27.81
N ASP B 347 15.21 -34.02 28.01
CA ASP B 347 15.65 -34.87 26.92
C ASP B 347 14.46 -35.56 26.27
N ALA B 348 13.56 -36.08 27.11
CA ALA B 348 12.37 -36.76 26.61
C ALA B 348 11.40 -35.80 25.92
N MET B 349 11.31 -34.58 26.42
CA MET B 349 10.45 -33.58 25.77
C MET B 349 10.93 -33.27 24.37
N VAL B 350 12.23 -33.07 24.24
CA VAL B 350 12.85 -32.83 22.93
C VAL B 350 12.59 -33.98 21.97
N GLN B 351 12.81 -35.20 22.44
CA GLN B 351 12.57 -36.38 21.62
C GLN B 351 11.14 -36.46 21.13
N ALA B 352 10.21 -35.87 21.88
CA ALA B 352 8.79 -35.86 21.53
C ALA B 352 8.40 -34.60 20.75
N HIS B 353 9.38 -33.78 20.40
CA HIS B 353 9.14 -32.56 19.63
C HIS B 353 8.21 -31.60 20.37
N LEU B 354 8.31 -31.58 21.69
CA LEU B 354 7.41 -30.75 22.47
C LEU B 354 7.67 -29.26 22.24
N GLY B 355 8.88 -28.90 21.82
CA GLY B 355 9.23 -27.51 21.61
C GLY B 355 8.35 -26.84 20.57
N ALA B 356 7.91 -27.62 19.60
CA ALA B 356 7.16 -27.09 18.48
C ALA B 356 5.73 -26.71 18.90
N VAL B 357 5.27 -27.26 20.02
CA VAL B 357 3.97 -26.89 20.55
C VAL B 357 3.99 -25.42 20.96
N PHE B 358 5.14 -24.98 21.46
CA PHE B 358 5.28 -23.63 21.99
C PHE B 358 5.92 -22.65 21.01
N MET B 359 6.70 -23.17 20.06
CA MET B 359 7.26 -22.35 18.98
C MET B 359 7.05 -23.08 17.65
N PRO B 360 5.87 -22.91 17.03
CA PRO B 360 5.55 -23.71 15.84
C PRO B 360 6.15 -23.15 14.52
N HIS B 361 6.90 -22.06 14.63
CA HIS B 361 7.54 -21.45 13.47
C HIS B 361 9.06 -21.63 13.51
N GLY B 362 9.73 -21.24 12.44
CA GLY B 362 11.17 -21.35 12.39
C GLY B 362 11.88 -20.29 13.21
N LEU B 363 13.07 -20.61 13.70
CA LEU B 363 13.84 -19.69 14.54
C LEU B 363 14.16 -18.34 13.88
N GLY B 364 14.37 -18.34 12.56
CA GLY B 364 14.66 -17.12 11.85
C GLY B 364 15.03 -17.39 10.40
N HIS B 365 15.20 -16.33 9.63
CA HIS B 365 15.29 -16.44 8.19
C HIS B 365 16.24 -15.40 7.63
N PHE B 366 16.70 -15.64 6.42
CA PHE B 366 17.45 -14.63 5.70
C PHE B 366 16.60 -13.38 5.53
N LEU B 367 17.29 -12.24 5.52
CA LEU B 367 16.67 -10.93 5.38
C LEU B 367 17.52 -10.08 4.45
N GLY B 368 16.88 -9.32 3.56
CA GLY B 368 17.61 -8.48 2.65
C GLY B 368 16.65 -7.52 1.95
N ILE B 369 16.59 -7.59 0.63
CA ILE B 369 15.64 -6.82 -0.16
CA ILE B 369 15.65 -6.78 -0.12
C ILE B 369 14.21 -7.27 0.14
N ASP B 370 14.06 -8.57 0.38
CA ASP B 370 12.80 -9.15 0.85
C ASP B 370 12.94 -9.51 2.32
N VAL B 371 11.87 -9.33 3.10
CA VAL B 371 11.93 -9.61 4.53
C VAL B 371 12.22 -11.10 4.73
N HIS B 372 11.55 -11.94 3.96
CA HIS B 372 11.91 -13.37 3.86
C HIS B 372 12.79 -13.50 2.62
N ASP B 373 14.09 -13.36 2.82
CA ASP B 373 14.97 -13.18 1.68
C ASP B 373 15.28 -14.50 0.99
N VAL B 374 15.72 -14.37 -0.25
CA VAL B 374 15.94 -15.51 -1.12
C VAL B 374 17.15 -16.34 -0.67
N GLY B 375 17.17 -17.59 -1.12
CA GLY B 375 18.35 -18.42 -1.01
C GLY B 375 18.43 -19.36 0.18
N GLY B 376 17.33 -19.49 0.92
CA GLY B 376 17.29 -20.39 2.07
C GLY B 376 17.47 -21.88 1.75
N TYR B 377 16.97 -22.29 0.58
CA TYR B 377 16.96 -23.70 0.18
C TYR B 377 17.42 -23.88 -1.25
N PRO B 378 18.70 -23.64 -1.48
CA PRO B 378 19.27 -23.91 -2.81
C PRO B 378 19.30 -25.41 -3.07
N GLU B 379 19.53 -25.83 -4.31
CA GLU B 379 19.59 -27.25 -4.64
C GLU B 379 20.51 -28.01 -3.66
N GLY B 380 20.02 -29.13 -3.14
CA GLY B 380 20.80 -29.94 -2.22
C GLY B 380 20.52 -29.68 -0.75
N VAL B 381 19.90 -28.55 -0.43
CA VAL B 381 19.59 -28.23 0.96
C VAL B 381 18.14 -28.64 1.20
N GLU B 382 17.93 -29.54 2.16
CA GLU B 382 16.63 -30.18 2.32
C GLU B 382 15.91 -29.63 3.52
N ARG B 383 14.59 -29.58 3.42
CA ARG B 383 13.74 -29.13 4.51
C ARG B 383 13.60 -30.32 5.44
N ILE B 384 13.79 -30.08 6.74
CA ILE B 384 13.74 -31.14 7.74
C ILE B 384 12.28 -31.41 8.13
N ASP B 385 11.83 -32.64 7.95
CA ASP B 385 10.43 -32.98 8.13
C ASP B 385 10.14 -33.32 9.58
N GLU B 386 10.17 -32.30 10.43
CA GLU B 386 9.79 -32.43 11.83
C GLU B 386 9.04 -31.18 12.24
N PRO B 387 8.18 -31.29 13.27
CA PRO B 387 7.47 -30.09 13.76
C PRO B 387 8.46 -28.98 14.07
N GLY B 388 8.10 -27.72 13.80
CA GLY B 388 8.99 -26.61 14.06
C GLY B 388 10.03 -26.46 12.97
N LEU B 389 10.93 -27.44 12.86
CA LEU B 389 12.02 -27.38 11.91
C LEU B 389 11.52 -27.29 10.46
N ARG B 390 10.40 -27.94 10.15
CA ARG B 390 9.89 -27.91 8.78
C ARG B 390 9.43 -26.50 8.37
N SER B 391 9.21 -25.62 9.35
CA SER B 391 8.86 -24.23 9.07
C SER B 391 10.09 -23.33 8.94
N LEU B 392 11.28 -23.88 9.17
CA LEU B 392 12.49 -23.09 8.97
C LEU B 392 12.58 -22.65 7.51
N ARG B 393 12.98 -21.40 7.31
CA ARG B 393 13.07 -20.85 5.98
C ARG B 393 14.48 -21.02 5.38
N THR B 394 15.42 -21.55 6.17
CA THR B 394 16.68 -22.06 5.61
C THR B 394 17.22 -23.18 6.47
N ALA B 395 17.92 -24.12 5.83
CA ALA B 395 18.62 -25.18 6.53
C ALA B 395 20.11 -25.14 6.23
N ARG B 396 20.59 -23.97 5.82
CA ARG B 396 21.98 -23.79 5.46
C ARG B 396 22.88 -23.66 6.68
N HIS B 397 24.18 -23.84 6.44
CA HIS B 397 25.21 -23.45 7.39
C HIS B 397 25.52 -21.97 7.30
N LEU B 398 25.80 -21.35 8.43
CA LEU B 398 26.11 -19.92 8.46
C LEU B 398 27.48 -19.60 7.86
N GLN B 399 27.52 -18.49 7.14
CA GLN B 399 28.76 -17.98 6.56
C GLN B 399 28.75 -16.44 6.65
N PRO B 400 29.93 -15.81 6.72
CA PRO B 400 30.04 -14.35 6.79
C PRO B 400 29.28 -13.64 5.65
N GLY B 401 28.55 -12.59 6.01
CA GLY B 401 27.81 -11.79 5.04
C GLY B 401 26.33 -12.12 4.96
N MET B 402 25.94 -13.26 5.52
CA MET B 402 24.51 -13.58 5.66
C MET B 402 23.87 -12.68 6.68
N VAL B 403 22.63 -12.31 6.41
CA VAL B 403 21.84 -11.52 7.33
C VAL B 403 20.61 -12.35 7.69
N LEU B 404 20.44 -12.57 8.99
CA LEU B 404 19.36 -13.41 9.51
C LEU B 404 18.55 -12.71 10.60
N THR B 405 17.30 -13.12 10.71
CA THR B 405 16.53 -12.81 11.90
C THR B 405 16.79 -13.89 12.93
N VAL B 406 16.77 -13.49 14.19
CA VAL B 406 16.82 -14.40 15.31
C VAL B 406 15.56 -14.08 16.08
N GLU B 407 14.56 -14.96 15.98
CA GLU B 407 13.24 -14.65 16.51
C GLU B 407 12.60 -15.84 17.21
N PRO B 408 13.25 -16.33 18.28
CA PRO B 408 12.52 -17.31 19.08
C PRO B 408 11.27 -16.70 19.71
N GLY B 409 10.31 -17.55 20.01
CA GLY B 409 9.12 -17.15 20.71
C GLY B 409 8.49 -18.30 21.48
N ILE B 410 7.66 -17.97 22.46
CA ILE B 410 6.84 -18.94 23.17
C ILE B 410 5.41 -18.43 23.16
N TYR B 411 4.49 -19.29 22.72
CA TYR B 411 3.08 -18.94 22.57
C TYR B 411 2.23 -19.99 23.22
N PHE B 412 1.01 -19.61 23.59
CA PHE B 412 0.06 -20.54 24.18
C PHE B 412 -1.14 -20.63 23.26
N ILE B 413 -1.04 -21.60 22.35
CA ILE B 413 -1.98 -21.75 21.24
C ILE B 413 -2.85 -22.96 21.51
N ASP B 414 -4.15 -22.73 21.68
CA ASP B 414 -5.04 -23.72 22.27
C ASP B 414 -5.07 -25.04 21.50
N HIS B 415 -5.12 -24.98 20.17
CA HIS B 415 -5.29 -26.22 19.41
C HIS B 415 -3.99 -27.03 19.39
N LEU B 416 -2.85 -26.36 19.53
CA LEU B 416 -1.59 -27.09 19.66
C LEU B 416 -1.42 -27.70 21.05
N LEU B 417 -1.80 -26.96 22.09
CA LEU B 417 -1.76 -27.47 23.46
C LEU B 417 -2.72 -28.65 23.62
N ASP B 418 -3.91 -28.48 23.08
CA ASP B 418 -4.94 -29.52 23.20
C ASP B 418 -4.53 -30.78 22.43
N GLU B 419 -3.84 -30.60 21.29
CA GLU B 419 -3.30 -31.75 20.56
C GLU B 419 -2.32 -32.52 21.44
N ALA B 420 -1.40 -31.78 22.05
CA ALA B 420 -0.40 -32.40 22.92
C ALA B 420 -1.06 -33.12 24.08
N LEU B 421 -2.11 -32.52 24.65
CA LEU B 421 -2.78 -33.12 25.78
C LEU B 421 -3.54 -34.39 25.39
N ALA B 422 -3.81 -34.54 24.10
CA ALA B 422 -4.51 -35.74 23.59
C ALA B 422 -3.53 -36.81 23.13
N ASP B 423 -2.26 -36.44 23.05
CA ASP B 423 -1.19 -37.32 22.59
C ASP B 423 -0.48 -37.93 23.80
N PRO B 424 -0.63 -39.25 24.00
CA PRO B 424 0.08 -39.89 25.13
C PRO B 424 1.58 -39.68 25.09
N ALA B 425 2.14 -39.48 23.90
CA ALA B 425 3.57 -39.27 23.77
C ALA B 425 4.02 -37.91 24.27
N ARG B 426 3.06 -37.01 24.54
CA ARG B 426 3.37 -35.63 24.93
C ARG B 426 2.59 -35.17 26.16
N ALA B 427 1.41 -35.74 26.39
CA ALA B 427 0.48 -35.22 27.39
C ALA B 427 1.05 -35.18 28.81
N SER B 428 1.83 -36.20 29.17
CA SER B 428 2.31 -36.30 30.55
C SER B 428 3.28 -35.19 30.94
N PHE B 429 3.89 -34.56 29.96
CA PHE B 429 4.80 -33.45 30.22
C PHE B 429 4.08 -32.19 30.70
N LEU B 430 2.79 -32.07 30.37
CA LEU B 430 2.03 -30.86 30.62
CA LEU B 430 2.03 -30.85 30.62
C LEU B 430 1.38 -30.88 32.01
N ASN B 431 1.53 -29.78 32.75
CA ASN B 431 0.89 -29.65 34.07
C ASN B 431 -0.29 -28.72 33.95
N ARG B 432 -1.48 -29.28 33.83
CA ARG B 432 -2.67 -28.49 33.57
C ARG B 432 -2.92 -27.46 34.69
N GLU B 433 -2.60 -27.84 35.93
CA GLU B 433 -2.79 -26.96 37.07
C GLU B 433 -2.06 -25.63 36.90
N VAL B 434 -0.93 -25.64 36.21
CA VAL B 434 -0.16 -24.42 35.98
C VAL B 434 -0.48 -23.85 34.60
N LEU B 435 -0.58 -24.74 33.61
CA LEU B 435 -0.80 -24.34 32.23
C LEU B 435 -2.10 -23.56 32.08
N GLN B 436 -3.12 -23.98 32.84
CA GLN B 436 -4.42 -23.35 32.75
C GLN B 436 -4.30 -21.85 32.95
N ARG B 437 -3.28 -21.45 33.71
CA ARG B 437 -3.08 -20.05 34.08
C ARG B 437 -2.60 -19.23 32.87
N PHE B 438 -2.04 -19.93 31.90
CA PHE B 438 -1.43 -19.30 30.73
C PHE B 438 -2.29 -19.43 29.49
N ARG B 439 -3.45 -20.06 29.59
CA ARG B 439 -4.37 -20.04 28.46
C ARG B 439 -4.82 -18.58 28.26
N GLY B 440 -4.71 -18.10 27.04
CA GLY B 440 -5.06 -16.72 26.75
C GLY B 440 -3.95 -15.73 27.05
N PHE B 441 -2.80 -16.24 27.49
CA PHE B 441 -1.62 -15.40 27.73
C PHE B 441 -1.20 -14.66 26.47
N GLY B 442 -1.41 -15.31 25.32
CA GLY B 442 -0.81 -14.89 24.08
C GLY B 442 0.56 -15.51 23.88
N GLY B 443 1.58 -14.67 23.76
CA GLY B 443 2.93 -15.16 23.51
C GLY B 443 3.94 -14.04 23.55
N VAL B 444 5.20 -14.44 23.57
CA VAL B 444 6.33 -13.53 23.51
C VAL B 444 7.19 -13.92 22.31
N ARG B 445 7.56 -12.93 21.51
CA ARG B 445 8.60 -13.14 20.50
C ARG B 445 9.61 -11.98 20.61
N ILE B 446 10.89 -12.31 20.58
CA ILE B 446 11.98 -11.33 20.62
C ILE B 446 12.73 -11.52 19.30
N GLU B 447 12.60 -10.54 18.40
CA GLU B 447 13.21 -10.66 17.08
C GLU B 447 14.28 -9.59 16.84
N GLU B 448 15.50 -10.07 16.66
CA GLU B 448 16.67 -9.26 16.33
C GLU B 448 17.08 -9.53 14.89
N ASP B 449 17.66 -8.52 14.23
CA ASP B 449 18.31 -8.73 12.94
C ASP B 449 19.82 -8.73 13.15
N VAL B 450 20.52 -9.73 12.59
CA VAL B 450 21.96 -9.83 12.78
C VAL B 450 22.68 -10.15 11.47
N VAL B 451 23.97 -9.81 11.44
CA VAL B 451 24.84 -10.19 10.34
C VAL B 451 25.81 -11.22 10.84
N VAL B 452 26.00 -12.28 10.06
CA VAL B 452 27.07 -13.23 10.37
C VAL B 452 28.40 -12.62 9.98
N THR B 453 29.34 -12.63 10.91
CA THR B 453 30.66 -12.07 10.68
C THR B 453 31.73 -13.15 10.83
N ASP B 454 32.98 -12.81 10.55
CA ASP B 454 34.09 -13.75 10.72
C ASP B 454 34.09 -14.37 12.11
N SER B 455 33.83 -13.54 13.12
CA SER B 455 34.03 -13.95 14.51
C SER B 455 32.73 -14.35 15.21
N GLY B 456 31.60 -14.09 14.58
CA GLY B 456 30.31 -14.39 15.19
C GLY B 456 29.22 -13.64 14.47
N ILE B 457 28.67 -12.64 15.15
CA ILE B 457 27.62 -11.83 14.57
C ILE B 457 27.79 -10.37 14.90
N GLU B 458 27.15 -9.56 14.07
CA GLU B 458 26.92 -8.15 14.34
C GLU B 458 25.43 -7.95 14.54
N LEU B 459 25.05 -7.44 15.70
CA LEU B 459 23.66 -7.16 15.98
C LEU B 459 23.27 -5.81 15.40
N LEU B 460 22.25 -5.82 14.54
CA LEU B 460 21.78 -4.60 13.89
C LEU B 460 20.75 -3.83 14.72
N THR B 461 19.88 -4.59 15.39
CA THR B 461 18.77 -4.03 16.13
C THR B 461 19.20 -3.38 17.44
N CYS B 462 18.50 -2.31 17.85
CA CYS B 462 18.85 -1.61 19.09
C CYS B 462 17.60 -1.15 19.82
N VAL B 463 16.98 -2.10 20.52
CA VAL B 463 15.81 -1.83 21.35
C VAL B 463 16.02 -2.33 22.77
N PRO B 464 15.28 -1.77 23.74
CA PRO B 464 15.38 -2.34 25.09
C PRO B 464 14.95 -3.81 25.12
N ARG B 465 15.65 -4.64 25.89
CA ARG B 465 15.39 -6.08 25.88
C ARG B 465 15.22 -6.71 27.26
N THR B 466 15.96 -6.25 28.26
CA THR B 466 15.76 -6.80 29.59
C THR B 466 14.47 -6.24 30.15
N VAL B 467 13.90 -6.97 31.10
CA VAL B 467 12.70 -6.50 31.80
C VAL B 467 12.89 -5.10 32.36
N GLU B 468 14.07 -4.87 32.92
CA GLU B 468 14.37 -3.62 33.59
C GLU B 468 14.42 -2.50 32.57
N GLU B 469 15.06 -2.79 31.43
CA GLU B 469 15.20 -1.82 30.36
C GLU B 469 13.86 -1.46 29.76
N ILE B 470 13.03 -2.48 29.56
CA ILE B 470 11.72 -2.28 28.97
C ILE B 470 10.85 -1.43 29.87
N GLU B 471 10.81 -1.77 31.16
CA GLU B 471 9.97 -1.05 32.11
C GLU B 471 10.47 0.39 32.22
N ALA B 472 11.79 0.55 32.14
CA ALA B 472 12.38 1.89 32.16
C ALA B 472 11.93 2.71 30.94
N CYS B 473 12.10 2.15 29.75
CA CYS B 473 11.75 2.84 28.51
C CYS B 473 10.26 3.18 28.42
N MET B 474 9.40 2.29 28.93
CA MET B 474 7.96 2.53 28.92
C MET B 474 7.57 3.62 29.89
N ALA B 475 8.45 3.89 30.83
CA ALA B 475 8.32 5.07 31.66
C ALA B 475 9.22 6.18 31.12
N GLY B 476 9.37 6.22 29.79
CA GLY B 476 9.97 7.34 29.09
C GLY B 476 11.46 7.63 29.26
N CYS B 477 12.26 6.63 29.62
CA CYS B 477 13.69 6.85 29.84
C CYS B 477 14.46 7.10 28.55
N ASP B 478 15.32 8.12 28.57
CA ASP B 478 16.06 8.52 27.39
C ASP B 478 17.03 7.43 26.96
#